data_9GHI
#
_entry.id   9GHI
#
_cell.length_a   46.682
_cell.length_b   73.585
_cell.length_c   184.958
_cell.angle_alpha   90.000
_cell.angle_beta   91.003
_cell.angle_gamma   90.000
#
_symmetry.space_group_name_H-M   'P 1 21 1'
#
loop_
_entity.id
_entity.type
_entity.pdbx_description
1 polymer 'Pre-glycoprotein polyprotein GP complex'
2 polymer 'Glycoprotein G2'
3 polymer 'MAC1 heavy chain'
4 polymer 'MAC1 light chain'
5 branched 2-acetamido-2-deoxy-beta-D-glucopyranose-(1-4)-2-acetamido-2-deoxy-beta-D-glucopyranose
6 branched alpha-D-mannopyranose-(1-3)-beta-D-mannopyranose-(1-4)-2-acetamido-2-deoxy-beta-D-glucopyranose-(1-4)-[alpha-L-fucopyranose-(1-6)]2-acetamido-2-deoxy-beta-D-glucopyranose
7 branched alpha-D-mannopyranose-(1-3)-beta-D-mannopyranose-(1-4)-2-acetamido-2-deoxy-beta-D-glucopyranose-(1-4)-2-acetamido-2-deoxy-beta-D-glucopyranose
8 branched beta-D-mannopyranose-(1-4)-2-acetamido-2-deoxy-beta-D-glucopyranose-(1-4)-2-acetamido-2-deoxy-beta-D-glucopyranose
9 non-polymer 2-acetamido-2-deoxy-beta-D-glucopyranose
10 water water
#
loop_
_entity_poly.entity_id
_entity_poly.type
_entity_poly.pdbx_seq_one_letter_code
_entity_poly.pdbx_strand_id
1 'polypeptide(L)'
;DGTFKIGLHTEFQSVTLTMQRLLANHSNECPSLCMLNNSFYYMRGGVNTFLIRVSDISVLMKEYDVSIYEPEDLGNCLNA
SDSSWAIHWFSNALGHDWLMDPPMLCRNKTKKEGSNIQFNISKADDARVYGKKIRNGMRHLFRGFHDPCEEGKVCYLTIN
QCGDPSSFEYCGVNHLSKCQFDHVNTLHFLVRSKTHLNFSRRKR
;
A
2 'polypeptide(L)'
;SFFSWSLTDSSGKDMPGGYCLEEWMLIAAKMKCFGNTAVAKCNQDHDSEFCDMLRLFDYNKNAIKTLNDPSKKEINLCSQ
TVNALISDNLLMKNKIKELMSIPYCNYTKFWYVNHTLTGQHTLPRCWLIRNGSYLNTSEFRNDWILESDHLISEMLSKEY
AERQGKSGDDDDKGSGWSHPQFEKGGGSGGGSGGSAWSHPQFEK
;
B
3 'polypeptide(L)'
;ETGQVQLQQSGAELVKPGASVKISCKASGYAFGSHWMNWVKQRPGKGLEWIGQIYPGDGDTNYNGKFKGKATLTADKSSS
TAYMQFSSLTSEDSAVYFCARDDYGTRYYFDYWGQGTTLTVSSATTKGPSVYPLAPSAAAQTNSMVTLGCLVKGYFPEPV
TVTWNSGSLSSGVHTFPAVLQSDLYTLSSSVTVPSSTWPSQTVTCNVAHPASSTKVDKKIVPRDCGTKHHHHHH
;
H
4 'polypeptide(L)'
;ETGDIQMTQTTSSLSASLGDRVSISCRASQDINNYLNWYQQKPDGTVKLLIHYTSRLRSGVPSRFSGSGFGTDYSLTITN
LEQEDIATYFCQQGKTLPLTFGAGTKLEIKRTDAAPTVSIFPPSSEQLTSGGASVVCFLNNFYPKDINVKWKIDGSERQN
GVLNSWTDQDSKDSTYSMSSTLTLTKDEYERHNSYTCEATHKTSTSPIVKSFNRNEC
;
L
#
loop_
_chem_comp.id
_chem_comp.type
_chem_comp.name
_chem_comp.formula
BMA D-saccharide, beta linking beta-D-mannopyranose 'C6 H12 O6'
FUC L-saccharide, alpha linking alpha-L-fucopyranose 'C6 H12 O5'
MAN D-saccharide, alpha linking alpha-D-mannopyranose 'C6 H12 O6'
NAG D-saccharide, beta linking 2-acetamido-2-deoxy-beta-D-glucopyranose 'C8 H15 N O6'
#
# COMPACT_ATOMS: atom_id res chain seq x y z
N GLY A 2 15.63 37.08 -42.49
CA GLY A 2 16.56 37.63 -41.54
C GLY A 2 17.89 38.00 -42.18
N THR A 3 17.83 38.90 -43.16
CA THR A 3 19.01 39.37 -43.86
C THR A 3 18.83 40.84 -44.21
N PHE A 4 19.81 41.67 -43.85
CA PHE A 4 19.78 43.10 -44.15
C PHE A 4 21.11 43.50 -44.77
N LYS A 5 21.21 44.77 -45.17
CA LYS A 5 22.37 45.29 -45.86
C LYS A 5 23.19 46.19 -44.93
N ILE A 6 24.50 45.96 -44.88
CA ILE A 6 25.40 46.81 -44.13
C ILE A 6 25.90 47.91 -45.06
N GLY A 7 26.61 47.51 -46.12
CA GLY A 7 27.07 48.42 -47.13
C GLY A 7 26.36 48.21 -48.46
N LEU A 8 26.90 48.87 -49.50
CA LEU A 8 26.30 48.72 -50.82
C LEU A 8 26.33 47.27 -51.28
N HIS A 9 27.38 46.53 -50.91
CA HIS A 9 27.49 45.11 -51.24
C HIS A 9 27.50 44.21 -50.02
N THR A 10 28.11 44.66 -48.92
CA THR A 10 28.12 43.87 -47.69
C THR A 10 26.71 43.65 -47.19
N GLU A 11 26.40 42.40 -46.83
CA GLU A 11 25.05 42.03 -46.44
C GLU A 11 25.10 41.07 -45.26
N PHE A 12 24.21 41.28 -44.30
CA PHE A 12 24.04 40.38 -43.18
C PHE A 12 23.22 39.17 -43.61
N GLN A 13 23.76 37.98 -43.38
CA GLN A 13 23.08 36.75 -43.75
C GLN A 13 23.20 35.74 -42.62
N SER A 14 22.30 34.78 -42.60
CA SER A 14 22.23 33.79 -41.53
C SER A 14 21.91 32.41 -42.11
N VAL A 15 22.14 31.39 -41.29
CA VAL A 15 21.88 30.01 -41.67
C VAL A 15 21.49 29.24 -40.42
N THR A 16 20.45 28.42 -40.54
CA THR A 16 19.94 27.62 -39.42
C THR A 16 20.16 26.15 -39.73
N LEU A 17 20.76 25.44 -38.79
CA LEU A 17 21.11 24.03 -38.95
C LEU A 17 20.17 23.16 -38.12
N THR A 18 19.93 21.94 -38.60
CA THR A 18 19.08 20.98 -37.92
C THR A 18 19.80 19.64 -37.83
N MET A 19 19.80 19.05 -36.64
CA MET A 19 20.43 17.77 -36.39
C MET A 19 19.42 16.64 -36.28
N GLN A 20 18.18 16.87 -36.73
CA GLN A 20 17.11 15.93 -36.43
C GLN A 20 17.30 14.60 -37.16
N ARG A 21 17.78 14.64 -38.41
CA ARG A 21 18.06 13.39 -39.11
C ARG A 21 19.03 12.51 -38.35
N LEU A 22 19.85 13.08 -37.48
CA LEU A 22 20.78 12.31 -36.66
C LEU A 22 20.18 11.97 -35.30
N LEU A 23 19.36 12.86 -34.74
CA LEU A 23 18.70 12.57 -33.47
C LEU A 23 17.61 11.52 -33.62
N ALA A 24 17.12 11.30 -34.83
CA ALA A 24 16.11 10.28 -35.05
C ALA A 24 16.71 8.88 -35.04
N ASN A 25 17.96 8.74 -35.45
CA ASN A 25 18.67 7.47 -35.38
C ASN A 25 19.24 7.27 -34.00
N HIS A 26 18.41 7.43 -32.97
CA HIS A 26 18.85 7.29 -31.60
C HIS A 26 19.06 5.82 -31.25
N SER A 27 19.72 5.61 -30.12
CA SER A 27 20.03 4.27 -29.63
C SER A 27 20.45 4.41 -28.17
N ASN A 28 20.66 3.28 -27.50
CA ASN A 28 20.94 3.31 -26.07
C ASN A 28 22.25 4.03 -25.78
N GLU A 29 23.31 3.68 -26.51
CA GLU A 29 24.55 4.43 -26.39
C GLU A 29 24.44 5.82 -26.96
N CYS A 30 23.39 6.13 -27.73
CA CYS A 30 23.23 7.42 -28.39
C CYS A 30 21.83 7.98 -28.12
N PRO A 31 21.54 8.35 -26.88
CA PRO A 31 20.17 8.75 -26.53
C PRO A 31 19.84 10.14 -27.02
N SER A 32 18.61 10.32 -27.46
CA SER A 32 18.05 11.64 -27.76
C SER A 32 17.24 12.10 -26.56
N LEU A 33 17.53 13.30 -26.08
CA LEU A 33 16.98 13.84 -24.84
C LEU A 33 16.10 15.02 -25.15
N CYS A 34 14.91 15.06 -24.55
CA CYS A 34 14.01 16.18 -24.79
C CYS A 34 13.20 16.47 -23.53
N MET A 35 12.69 17.70 -23.46
CA MET A 35 11.92 18.19 -22.32
C MET A 35 10.50 18.50 -22.76
N LEU A 36 9.53 18.04 -21.98
CA LEU A 36 8.12 18.24 -22.32
C LEU A 36 7.51 19.28 -21.38
N ASN A 37 7.14 18.86 -20.17
CA ASN A 37 6.64 19.77 -19.15
C ASN A 37 7.81 20.53 -18.52
N ASN A 38 7.53 21.22 -17.42
CA ASN A 38 8.53 21.50 -16.40
C ASN A 38 8.64 20.36 -15.39
N SER A 39 8.11 19.18 -15.74
CA SER A 39 8.06 18.03 -14.86
C SER A 39 8.27 16.71 -15.58
N PHE A 40 8.18 16.67 -16.91
CA PHE A 40 8.35 15.46 -17.69
C PHE A 40 9.53 15.64 -18.64
N TYR A 41 10.42 14.66 -18.66
CA TYR A 41 11.54 14.62 -19.59
C TYR A 41 11.58 13.24 -20.21
N TYR A 42 12.16 13.14 -21.40
CA TYR A 42 12.17 11.86 -22.11
C TYR A 42 13.54 11.58 -22.72
N MET A 43 13.95 10.32 -22.59
CA MET A 43 15.16 9.82 -23.21
C MET A 43 14.79 8.68 -24.14
N ARG A 44 15.13 8.82 -25.43
CA ARG A 44 14.88 7.81 -26.44
C ARG A 44 16.21 7.17 -26.81
N GLY A 45 16.35 5.88 -26.52
CA GLY A 45 17.54 5.14 -26.90
C GLY A 45 17.21 4.00 -27.84
N GLY A 46 16.64 4.34 -28.99
CA GLY A 46 16.26 3.34 -29.97
C GLY A 46 14.90 2.75 -29.68
N VAL A 47 14.88 1.50 -29.22
CA VAL A 47 13.62 0.84 -28.88
C VAL A 47 13.19 1.13 -27.45
N ASN A 48 14.10 1.58 -26.59
CA ASN A 48 13.80 1.81 -25.17
C ASN A 48 13.59 3.30 -24.94
N THR A 49 12.41 3.66 -24.47
CA THR A 49 12.08 5.02 -24.09
C THR A 49 11.94 5.10 -22.58
N PHE A 50 12.41 6.20 -22.00
CA PHE A 50 12.41 6.38 -20.56
C PHE A 50 11.83 7.75 -20.21
N LEU A 51 10.81 7.74 -19.36
CA LEU A 51 10.23 8.94 -18.79
C LEU A 51 10.96 9.27 -17.49
N ILE A 52 11.39 10.52 -17.36
CA ILE A 52 12.04 11.02 -16.16
C ILE A 52 11.15 12.11 -15.57
N ARG A 53 10.92 12.03 -14.26
CA ARG A 53 10.07 12.97 -13.56
C ARG A 53 10.81 13.46 -12.32
N VAL A 54 10.50 14.68 -11.91
CA VAL A 54 11.07 15.27 -10.70
C VAL A 54 9.92 15.79 -9.87
N SER A 55 9.68 15.16 -8.73
CA SER A 55 8.50 15.48 -7.92
C SER A 55 8.88 15.37 -6.45
N ASP A 56 7.87 15.39 -5.58
CA ASP A 56 8.04 15.16 -4.16
C ASP A 56 7.29 13.92 -3.71
N ILE A 57 7.07 12.98 -4.63
CA ILE A 57 6.24 11.82 -4.41
C ILE A 57 7.11 10.58 -4.63
N SER A 58 7.46 9.91 -3.54
CA SER A 58 8.24 8.68 -3.61
C SER A 58 7.33 7.49 -3.34
N VAL A 59 7.38 6.50 -4.24
CA VAL A 59 6.64 5.26 -4.09
C VAL A 59 7.53 4.10 -3.67
N LEU A 60 8.82 4.33 -3.47
CA LEU A 60 9.76 3.28 -3.12
C LEU A 60 10.38 3.55 -1.76
N MET A 61 10.68 2.47 -1.04
CA MET A 61 11.35 2.54 0.25
C MET A 61 12.50 1.54 0.26
N LYS A 62 13.59 1.92 0.93
CA LYS A 62 14.74 1.03 1.02
C LYS A 62 14.46 -0.21 1.84
N GLU A 63 13.47 -0.16 2.74
CA GLU A 63 13.12 -1.33 3.53
C GLU A 63 12.38 -2.38 2.72
N TYR A 64 11.87 -2.04 1.53
CA TYR A 64 11.08 -2.98 0.75
C TYR A 64 11.61 -3.16 -0.66
N ASP A 65 12.30 -2.16 -1.20
CA ASP A 65 12.69 -2.14 -2.60
C ASP A 65 14.20 -2.34 -2.74
N VAL A 66 14.62 -2.49 -3.99
CA VAL A 66 15.97 -2.94 -4.30
C VAL A 66 16.93 -1.75 -4.26
N SER A 67 18.00 -1.89 -3.49
CA SER A 67 19.06 -0.87 -3.42
C SER A 67 20.14 -1.21 -4.45
N ILE A 68 20.50 -0.23 -5.27
CA ILE A 68 21.45 -0.42 -6.35
C ILE A 68 22.79 0.17 -5.90
N TYR A 69 23.69 -0.70 -5.47
CA TYR A 69 25.03 -0.28 -5.09
C TYR A 69 26.01 -0.27 -6.26
N GLU A 70 25.75 -1.06 -7.29
CA GLU A 70 26.64 -1.21 -8.43
C GLU A 70 25.80 -1.20 -9.70
N PRO A 71 26.42 -0.85 -10.83
CA PRO A 71 25.66 -0.88 -12.10
C PRO A 71 25.00 -2.22 -12.39
N GLU A 72 25.65 -3.34 -12.05
CA GLU A 72 25.06 -4.64 -12.32
C GLU A 72 23.72 -4.82 -11.61
N ASP A 73 23.58 -4.23 -10.43
CA ASP A 73 22.31 -4.33 -9.71
C ASP A 73 21.16 -3.76 -10.53
N LEU A 74 21.44 -2.85 -11.45
CA LEU A 74 20.39 -2.30 -12.30
C LEU A 74 19.70 -3.37 -13.13
N GLY A 75 20.31 -4.55 -13.26
CA GLY A 75 19.65 -5.66 -13.92
C GLY A 75 18.39 -6.14 -13.24
N ASN A 76 18.25 -5.84 -11.94
CA ASN A 76 17.05 -6.20 -11.20
C ASN A 76 15.91 -5.21 -11.42
N CYS A 77 16.14 -4.13 -12.15
CA CYS A 77 15.19 -3.03 -12.26
C CYS A 77 14.42 -3.02 -13.56
N LEU A 78 14.97 -3.58 -14.63
CA LEU A 78 14.42 -3.42 -15.97
C LEU A 78 14.27 -4.77 -16.64
N ASN A 79 13.27 -4.87 -17.51
CA ASN A 79 12.93 -6.14 -18.14
C ASN A 79 14.08 -6.68 -19.00
N ALA A 80 14.89 -5.79 -19.58
CA ALA A 80 15.99 -6.21 -20.44
C ALA A 80 17.29 -5.55 -20.00
N SER A 81 18.40 -6.24 -20.27
CA SER A 81 19.71 -5.73 -19.87
C SER A 81 20.14 -4.55 -20.73
N ASP A 82 19.65 -4.48 -21.97
CA ASP A 82 19.89 -3.32 -22.81
C ASP A 82 19.47 -2.04 -22.08
N SER A 83 18.24 -2.02 -21.58
CA SER A 83 17.77 -0.89 -20.79
C SER A 83 18.62 -0.69 -19.55
N SER A 84 19.08 -1.79 -18.95
CA SER A 84 19.92 -1.70 -17.76
C SER A 84 21.15 -0.86 -18.03
N TRP A 85 21.86 -1.16 -19.12
CA TRP A 85 23.08 -0.41 -19.41
C TRP A 85 22.78 1.00 -19.91
N ALA A 86 21.64 1.19 -20.59
CA ALA A 86 21.22 2.55 -20.92
C ALA A 86 21.08 3.40 -19.65
N ILE A 87 20.42 2.87 -18.63
CA ILE A 87 20.22 3.61 -17.39
C ILE A 87 21.54 3.73 -16.63
N HIS A 88 22.44 2.76 -16.76
CA HIS A 88 23.78 2.90 -16.18
C HIS A 88 24.48 4.12 -16.75
N TRP A 89 24.49 4.25 -18.09
CA TRP A 89 25.17 5.38 -18.71
C TRP A 89 24.47 6.70 -18.38
N PHE A 90 23.13 6.68 -18.27
CA PHE A 90 22.43 7.89 -17.89
C PHE A 90 22.78 8.30 -16.46
N SER A 91 22.85 7.33 -15.53
CA SER A 91 23.22 7.62 -14.16
C SER A 91 24.62 8.22 -14.10
N ASN A 92 25.57 7.62 -14.83
CA ASN A 92 26.89 8.23 -14.94
C ASN A 92 26.78 9.68 -15.41
N ALA A 93 25.97 9.92 -16.45
CA ALA A 93 25.85 11.26 -17.00
C ALA A 93 25.28 12.25 -15.98
N LEU A 94 24.42 11.79 -15.08
CA LEU A 94 23.87 12.68 -14.06
C LEU A 94 24.91 13.05 -13.00
N GLY A 95 26.02 12.34 -12.94
CA GLY A 95 27.03 12.58 -11.93
C GLY A 95 27.01 11.64 -10.76
N HIS A 96 26.13 10.64 -10.77
CA HIS A 96 26.07 9.70 -9.66
C HIS A 96 27.40 8.97 -9.51
N ASP A 97 27.80 8.71 -8.27
CA ASP A 97 29.04 8.03 -7.94
C ASP A 97 28.68 6.64 -7.41
N TRP A 98 29.02 5.61 -8.18
CA TRP A 98 28.73 4.24 -7.77
C TRP A 98 29.52 3.80 -6.56
N LEU A 99 30.52 4.58 -6.14
CA LEU A 99 31.40 4.23 -5.03
C LEU A 99 31.18 5.08 -3.79
N MET A 100 30.70 6.31 -3.94
CA MET A 100 30.60 7.26 -2.84
C MET A 100 29.19 7.74 -2.56
N ASP A 101 28.37 7.92 -3.59
CA ASP A 101 27.05 8.52 -3.42
C ASP A 101 26.08 7.51 -2.81
N PRO A 102 24.95 7.99 -2.29
CA PRO A 102 23.94 7.08 -1.76
C PRO A 102 23.42 6.15 -2.83
N PRO A 103 23.15 4.88 -2.49
CA PRO A 103 22.55 3.98 -3.48
C PRO A 103 21.17 4.45 -3.87
N MET A 104 20.83 4.30 -5.15
CA MET A 104 19.48 4.59 -5.59
C MET A 104 18.58 3.37 -5.36
N LEU A 105 17.28 3.58 -5.50
CA LEU A 105 16.29 2.54 -5.27
C LEU A 105 15.56 2.22 -6.56
N CYS A 106 15.15 0.97 -6.71
CA CYS A 106 14.32 0.58 -7.84
C CYS A 106 13.40 -0.57 -7.45
N ARG A 107 12.39 -0.79 -8.27
CA ARG A 107 11.43 -1.86 -8.05
C ARG A 107 11.89 -3.13 -8.75
N ASN A 108 11.92 -4.22 -8.00
CA ASN A 108 12.26 -5.53 -8.56
C ASN A 108 11.42 -5.82 -9.79
N LYS A 109 12.08 -6.18 -10.89
CA LYS A 109 11.37 -6.39 -12.15
C LYS A 109 10.34 -7.51 -12.04
N THR A 110 10.45 -8.37 -11.03
CA THR A 110 9.49 -9.46 -10.86
C THR A 110 8.11 -8.97 -10.45
N LYS A 111 8.01 -7.77 -9.86
CA LYS A 111 6.72 -7.28 -9.40
C LYS A 111 5.86 -6.88 -10.60
N LYS A 112 4.62 -6.47 -10.31
CA LYS A 112 3.63 -6.20 -11.33
C LYS A 112 3.47 -4.72 -11.65
N GLU A 113 4.05 -3.83 -10.84
CA GLU A 113 3.75 -2.40 -10.95
C GLU A 113 4.59 -1.69 -11.99
N GLY A 114 5.65 -2.31 -12.49
CA GLY A 114 6.47 -1.71 -13.53
C GLY A 114 7.78 -1.14 -13.00
N SER A 115 8.66 -0.81 -13.94
CA SER A 115 9.96 -0.30 -13.60
C SER A 115 9.87 1.07 -12.95
N ASN A 116 10.79 1.33 -12.01
CA ASN A 116 10.82 2.59 -11.29
C ASN A 116 12.15 2.74 -10.57
N ILE A 117 13.02 3.61 -11.05
CA ILE A 117 14.30 3.90 -10.41
C ILE A 117 14.19 5.27 -9.74
N GLN A 118 14.63 5.35 -8.49
CA GLN A 118 14.36 6.51 -7.64
C GLN A 118 15.67 7.08 -7.11
N PHE A 119 15.83 8.39 -7.27
CA PHE A 119 16.95 9.15 -6.73
C PHE A 119 16.41 10.12 -5.69
N ASN A 120 17.00 10.11 -4.50
CA ASN A 120 16.62 11.03 -3.43
C ASN A 120 17.43 12.32 -3.58
N ILE A 121 16.79 13.35 -4.12
CA ILE A 121 17.46 14.63 -4.37
C ILE A 121 16.88 15.70 -3.46
N SER A 122 16.52 15.30 -2.25
CA SER A 122 15.92 16.24 -1.30
C SER A 122 16.92 17.28 -0.86
N LYS A 123 16.47 18.52 -0.71
CA LYS A 123 17.30 19.61 -0.20
C LYS A 123 17.22 19.61 1.33
N ALA A 124 17.90 18.63 1.93
CA ALA A 124 17.87 18.48 3.38
C ALA A 124 18.72 17.29 3.86
N ASP A 125 19.36 17.45 5.01
CA ASP A 125 20.01 16.33 5.71
C ASP A 125 21.10 15.76 4.80
N ASP A 126 21.26 14.44 4.77
CA ASP A 126 22.32 13.79 4.01
C ASP A 126 21.99 13.65 2.53
N ALA A 127 20.86 14.18 2.08
CA ALA A 127 20.47 14.12 0.68
C ALA A 127 20.70 15.43 -0.05
N ARG A 128 21.03 16.50 0.66
CA ARG A 128 21.14 17.83 0.06
C ARG A 128 22.21 17.85 -1.02
N VAL A 129 23.48 17.70 -0.61
CA VAL A 129 24.61 17.80 -1.54
C VAL A 129 24.35 16.95 -2.77
N TYR A 130 24.26 15.62 -2.57
CA TYR A 130 23.97 14.72 -3.67
C TYR A 130 22.86 15.29 -4.55
N GLY A 131 21.74 15.66 -3.93
CA GLY A 131 20.62 16.24 -4.66
C GLY A 131 21.04 17.27 -5.68
N LYS A 132 21.73 18.32 -5.22
CA LYS A 132 22.14 19.39 -6.13
C LYS A 132 22.90 18.82 -7.33
N LYS A 133 23.86 17.92 -7.06
CA LYS A 133 24.61 17.32 -8.15
C LYS A 133 23.66 16.73 -9.19
N ILE A 134 22.72 15.89 -8.74
CA ILE A 134 21.84 15.21 -9.68
C ILE A 134 21.01 16.22 -10.46
N ARG A 135 20.72 17.38 -9.85
CA ARG A 135 20.00 18.40 -10.59
C ARG A 135 20.92 19.09 -11.59
N ASN A 136 22.15 19.39 -11.18
CA ASN A 136 23.13 19.91 -12.13
C ASN A 136 23.21 19.01 -13.34
N GLY A 137 23.41 17.71 -13.13
CA GLY A 137 23.38 16.77 -14.23
C GLY A 137 22.16 16.94 -15.12
N MET A 138 20.97 17.01 -14.50
CA MET A 138 19.76 17.23 -15.28
C MET A 138 19.86 18.52 -16.08
N ARG A 139 20.31 19.60 -15.44
CA ARG A 139 20.48 20.87 -16.15
C ARG A 139 21.41 20.70 -17.34
N HIS A 140 22.41 19.83 -17.23
CA HIS A 140 23.32 19.61 -18.36
C HIS A 140 22.63 18.79 -19.45
N LEU A 141 21.79 17.84 -19.06
CA LEU A 141 21.21 16.89 -20.00
C LEU A 141 19.88 17.35 -20.58
N PHE A 142 19.27 18.39 -20.01
CA PHE A 142 17.96 18.87 -20.47
C PHE A 142 17.97 20.39 -20.38
N ARG A 143 18.12 21.05 -21.52
CA ARG A 143 18.12 22.51 -21.54
C ARG A 143 16.81 23.05 -20.97
N GLY A 144 16.92 24.00 -20.05
CA GLY A 144 15.75 24.56 -19.41
C GLY A 144 15.15 23.70 -18.33
N PHE A 145 15.96 22.88 -17.66
CA PHE A 145 15.46 22.04 -16.59
C PHE A 145 14.86 22.90 -15.48
N HIS A 146 13.73 22.45 -14.93
CA HIS A 146 13.05 23.13 -13.85
C HIS A 146 13.40 22.49 -12.52
N ASP A 147 13.58 23.32 -11.50
CA ASP A 147 13.93 22.87 -10.16
C ASP A 147 12.72 23.00 -9.23
N PRO A 148 11.78 22.06 -9.27
CA PRO A 148 10.61 22.14 -8.40
C PRO A 148 10.87 21.79 -6.94
N CYS A 149 12.09 21.37 -6.61
CA CYS A 149 12.39 20.94 -5.26
C CYS A 149 12.33 22.10 -4.28
N GLU A 150 11.58 21.93 -3.19
CA GLU A 150 11.41 22.97 -2.19
C GLU A 150 12.45 22.82 -1.09
N GLU A 151 12.92 23.96 -0.59
CA GLU A 151 13.95 23.94 0.45
C GLU A 151 13.44 23.24 1.69
N GLY A 152 14.28 22.36 2.25
CA GLY A 152 13.94 21.65 3.47
C GLY A 152 12.93 20.54 3.31
N LYS A 153 12.38 20.34 2.12
CA LYS A 153 11.36 19.33 1.88
C LYS A 153 11.93 18.23 0.98
N VAL A 154 11.13 17.18 0.79
CA VAL A 154 11.58 16.00 0.06
C VAL A 154 11.47 16.25 -1.45
N CYS A 155 12.35 15.59 -2.20
CA CYS A 155 12.34 15.68 -3.65
C CYS A 155 12.99 14.43 -4.22
N TYR A 156 12.41 13.92 -5.30
CA TYR A 156 12.83 12.65 -5.89
C TYR A 156 12.81 12.74 -7.40
N LEU A 157 13.78 12.08 -8.02
CA LEU A 157 13.83 11.92 -9.48
C LEU A 157 13.50 10.47 -9.80
N THR A 158 12.48 10.26 -10.63
CA THR A 158 11.96 8.93 -10.93
C THR A 158 12.12 8.65 -12.42
N ILE A 159 12.65 7.46 -12.73
CA ILE A 159 12.79 6.98 -14.10
C ILE A 159 11.90 5.76 -14.28
N ASN A 160 11.05 5.80 -15.30
CA ASN A 160 10.18 4.69 -15.65
C ASN A 160 10.35 4.38 -17.12
N GLN A 161 10.58 3.10 -17.45
CA GLN A 161 10.68 2.69 -18.84
C GLN A 161 9.29 2.65 -19.47
N CYS A 162 9.13 3.33 -20.60
CA CYS A 162 7.85 3.32 -21.30
C CYS A 162 7.49 1.88 -21.67
N GLY A 163 6.23 1.52 -21.43
CA GLY A 163 5.76 0.18 -21.71
C GLY A 163 5.33 -0.53 -20.44
N ASP A 164 6.12 -0.39 -19.39
CA ASP A 164 5.76 -0.97 -18.10
C ASP A 164 4.51 -0.26 -17.55
N PRO A 165 3.77 -0.93 -16.66
CA PRO A 165 2.59 -0.27 -16.07
C PRO A 165 2.90 1.04 -15.37
N SER A 166 4.12 1.20 -14.84
CA SER A 166 4.48 2.42 -14.13
C SER A 166 4.58 3.64 -15.04
N SER A 167 4.51 3.47 -16.37
CA SER A 167 4.52 4.60 -17.27
C SER A 167 3.14 5.22 -17.45
N PHE A 168 2.08 4.58 -16.95
CA PHE A 168 0.72 5.07 -17.03
C PHE A 168 0.43 5.46 -18.48
N GLU A 169 -0.18 6.62 -18.74
CA GLU A 169 -0.44 7.08 -20.10
C GLU A 169 0.52 8.16 -20.54
N TYR A 170 1.55 8.46 -19.72
CA TYR A 170 2.44 9.58 -20.01
C TYR A 170 3.39 9.29 -21.17
N CYS A 171 3.55 8.04 -21.57
CA CYS A 171 4.38 7.68 -22.72
C CYS A 171 3.57 7.61 -24.02
N GLY A 172 2.36 8.16 -24.03
CA GLY A 172 1.53 8.12 -25.21
C GLY A 172 2.09 8.96 -26.34
N VAL A 173 1.34 8.99 -27.44
CA VAL A 173 1.77 9.74 -28.61
C VAL A 173 1.53 11.23 -28.41
N ASN A 174 0.52 11.59 -27.62
CA ASN A 174 0.27 13.00 -27.34
C ASN A 174 1.44 13.66 -26.62
N HIS A 175 2.29 12.87 -25.96
CA HIS A 175 3.44 13.40 -25.24
C HIS A 175 4.70 13.44 -26.11
N LEU A 176 5.12 12.29 -26.62
CA LEU A 176 6.39 12.21 -27.35
C LEU A 176 6.35 12.99 -28.66
N SER A 177 5.16 13.29 -29.18
CA SER A 177 5.05 14.05 -30.43
C SER A 177 5.28 15.55 -30.21
N LYS A 178 5.32 16.01 -28.97
CA LYS A 178 5.52 17.42 -28.63
C LYS A 178 6.74 17.59 -27.73
N CYS A 179 7.80 16.83 -28.02
CA CYS A 179 9.02 16.80 -27.22
C CYS A 179 10.20 16.88 -28.19
N GLN A 180 10.48 18.10 -28.65
CA GLN A 180 11.51 18.28 -29.67
C GLN A 180 12.87 17.87 -29.14
N PHE A 181 13.56 17.04 -29.92
CA PHE A 181 14.91 16.63 -29.57
C PHE A 181 15.87 17.80 -29.72
N ASP A 182 16.84 17.89 -28.82
CA ASP A 182 17.83 18.96 -28.83
C ASP A 182 19.21 18.33 -28.76
N HIS A 183 20.04 18.57 -29.78
CA HIS A 183 21.34 17.91 -29.87
C HIS A 183 22.32 18.40 -28.81
N VAL A 184 22.10 19.59 -28.24
CA VAL A 184 22.98 20.05 -27.17
C VAL A 184 22.91 19.10 -25.98
N ASN A 185 21.70 18.60 -25.68
CA ASN A 185 21.56 17.63 -24.61
C ASN A 185 22.36 16.36 -24.91
N THR A 186 22.31 15.89 -26.15
CA THR A 186 23.05 14.67 -26.49
C THR A 186 24.55 14.91 -26.42
N LEU A 187 25.01 16.10 -26.81
CA LEU A 187 26.43 16.43 -26.68
C LEU A 187 26.86 16.42 -25.22
N HIS A 188 26.03 16.99 -24.34
CA HIS A 188 26.35 16.97 -22.92
C HIS A 188 26.37 15.55 -22.38
N PHE A 189 25.44 14.71 -22.83
CA PHE A 189 25.44 13.31 -22.43
C PHE A 189 26.74 12.63 -22.86
N LEU A 190 27.16 12.87 -24.11
CA LEU A 190 28.40 12.29 -24.60
C LEU A 190 29.59 12.73 -23.75
N VAL A 191 29.65 14.02 -23.43
CA VAL A 191 30.80 14.53 -22.68
C VAL A 191 30.81 13.98 -21.26
N ARG A 192 29.65 13.94 -20.60
CA ARG A 192 29.59 13.57 -19.19
C ARG A 192 29.66 12.07 -18.95
N SER A 193 29.54 11.24 -19.99
CA SER A 193 29.61 9.80 -19.84
C SER A 193 30.90 9.24 -20.44
N PHE B 3 44.76 16.06 -33.29
CA PHE B 3 43.93 15.87 -32.11
C PHE B 3 42.54 16.46 -32.34
N SER B 4 42.37 17.12 -33.49
CA SER B 4 41.11 17.72 -33.90
C SER B 4 40.78 17.27 -35.32
N TRP B 5 39.49 17.02 -35.57
CA TRP B 5 39.06 16.51 -36.86
C TRP B 5 39.21 17.56 -37.95
N SER B 6 39.46 17.08 -39.18
CA SER B 6 39.68 17.93 -40.34
C SER B 6 38.51 17.80 -41.30
N LEU B 7 38.17 18.92 -41.95
CA LEU B 7 37.06 18.96 -42.90
C LEU B 7 37.61 18.90 -44.32
N THR B 8 37.11 17.94 -45.11
CA THR B 8 37.57 17.72 -46.47
C THR B 8 39.07 17.98 -46.65
N TYR B 19 33.02 24.21 -48.50
CA TYR B 19 32.25 23.14 -47.90
C TYR B 19 30.76 23.41 -48.07
N CYS B 20 30.04 22.43 -48.59
CA CYS B 20 28.59 22.53 -48.80
C CYS B 20 27.87 21.63 -47.81
N LEU B 21 26.85 22.18 -47.15
CA LEU B 21 25.98 21.42 -46.28
C LEU B 21 24.77 20.92 -47.06
N GLU B 22 24.41 19.67 -46.81
CA GLU B 22 23.29 19.03 -47.48
C GLU B 22 21.98 19.70 -47.09
N GLU B 23 20.96 19.47 -47.92
CA GLU B 23 19.66 20.10 -47.67
C GLU B 23 19.05 19.63 -46.36
N TRP B 24 19.25 18.35 -46.00
CA TRP B 24 18.66 17.81 -44.79
C TRP B 24 19.40 18.23 -43.52
N MET B 25 20.56 18.86 -43.64
CA MET B 25 21.27 19.42 -42.50
C MET B 25 20.82 20.84 -42.16
N LEU B 26 19.89 21.40 -42.91
CA LEU B 26 19.52 22.80 -42.80
C LEU B 26 18.01 22.93 -42.66
N ILE B 27 17.59 24.02 -42.01
CA ILE B 27 16.15 24.29 -41.86
C ILE B 27 15.56 24.67 -43.21
N ALA B 28 16.32 25.37 -44.05
CA ALA B 28 15.83 25.81 -45.35
C ALA B 28 15.68 24.67 -46.34
N ALA B 29 16.11 23.45 -45.98
CA ALA B 29 16.02 22.31 -46.87
C ALA B 29 16.62 22.62 -48.24
N LYS B 30 17.73 23.37 -48.23
CA LYS B 30 18.39 23.81 -49.45
C LYS B 30 19.89 23.78 -49.23
N MET B 31 20.59 22.94 -49.99
CA MET B 31 22.04 22.82 -49.87
C MET B 31 22.69 24.19 -49.84
N LYS B 32 23.53 24.43 -48.83
CA LYS B 32 24.14 25.72 -48.62
C LYS B 32 25.65 25.58 -48.67
N CYS B 33 26.29 26.24 -49.63
CA CYS B 33 27.73 26.16 -49.82
C CYS B 33 28.40 27.38 -49.21
N PHE B 34 29.48 27.15 -48.48
CA PHE B 34 30.27 28.21 -47.87
C PHE B 34 31.70 28.12 -48.39
N GLY B 35 32.26 29.27 -48.73
CA GLY B 35 33.59 29.29 -49.31
C GLY B 35 34.61 28.62 -48.42
N ASN B 36 35.63 28.03 -49.05
CA ASN B 36 36.69 27.36 -48.30
C ASN B 36 37.63 28.35 -47.63
N THR B 37 37.64 29.61 -48.06
CA THR B 37 38.47 30.61 -47.40
C THR B 37 38.10 30.75 -45.93
N ALA B 38 36.80 30.72 -45.62
CA ALA B 38 36.34 30.83 -44.25
C ALA B 38 36.29 29.48 -43.54
N VAL B 39 35.88 28.43 -44.25
CA VAL B 39 35.82 27.09 -43.65
C VAL B 39 37.21 26.62 -43.23
N ALA B 40 38.24 27.04 -43.95
CA ALA B 40 39.60 26.66 -43.57
C ALA B 40 39.95 27.12 -42.17
N LYS B 41 39.33 28.21 -41.70
CA LYS B 41 39.61 28.70 -40.36
C LYS B 41 39.16 27.70 -39.29
N CYS B 42 38.18 26.85 -39.62
CA CYS B 42 37.76 25.82 -38.67
C CYS B 42 38.91 24.89 -38.31
N ASN B 43 39.77 24.58 -39.28
CA ASN B 43 40.88 23.69 -39.02
C ASN B 43 41.78 24.22 -37.91
N GLN B 44 41.96 25.54 -37.82
CA GLN B 44 42.79 26.09 -36.75
C GLN B 44 42.32 25.63 -35.37
N ASP B 45 41.07 25.18 -35.25
CA ASP B 45 40.55 24.61 -34.01
C ASP B 45 40.39 25.68 -32.93
N HIS B 46 39.85 26.84 -33.32
CA HIS B 46 39.50 27.88 -32.37
C HIS B 46 38.11 27.62 -31.80
N ASP B 47 37.74 28.40 -30.79
CA ASP B 47 36.41 28.29 -30.19
C ASP B 47 35.38 28.78 -31.20
N SER B 48 34.69 27.85 -31.83
CA SER B 48 33.66 28.17 -32.82
C SER B 48 32.59 27.10 -32.76
N GLU B 49 31.38 27.48 -32.36
CA GLU B 49 30.27 26.54 -32.35
C GLU B 49 29.93 26.08 -33.76
N PHE B 50 29.99 26.99 -34.73
CA PHE B 50 29.69 26.63 -36.11
C PHE B 50 30.67 25.57 -36.61
N CYS B 51 31.97 25.74 -36.31
CA CYS B 51 32.94 24.75 -36.74
C CYS B 51 32.73 23.41 -36.01
N ASP B 52 32.32 23.46 -34.74
CA ASP B 52 31.99 22.23 -34.05
C ASP B 52 30.86 21.50 -34.75
N MET B 53 29.80 22.23 -35.12
CA MET B 53 28.69 21.62 -35.86
C MET B 53 29.15 21.06 -37.19
N LEU B 54 30.03 21.79 -37.90
CA LEU B 54 30.52 21.30 -39.17
C LEU B 54 31.29 20.00 -38.99
N ARG B 55 32.18 19.94 -38.01
CA ARG B 55 32.93 18.72 -37.75
C ARG B 55 32.00 17.58 -37.36
N LEU B 56 30.97 17.86 -36.58
CA LEU B 56 30.02 16.81 -36.20
C LEU B 56 29.33 16.25 -37.43
N PHE B 57 28.77 17.12 -38.27
CA PHE B 57 28.17 16.66 -39.52
C PHE B 57 29.16 15.85 -40.34
N ASP B 58 30.39 16.35 -40.50
CA ASP B 58 31.35 15.72 -41.39
C ASP B 58 31.73 14.33 -40.88
N TYR B 59 31.91 14.19 -39.57
CA TYR B 59 32.31 12.89 -39.01
C TYR B 59 31.16 11.90 -39.06
N ASN B 60 29.96 12.33 -38.62
CA ASN B 60 28.86 11.39 -38.49
C ASN B 60 28.14 11.11 -39.81
N LYS B 61 28.43 11.88 -40.86
CA LYS B 61 27.89 11.54 -42.19
C LYS B 61 28.72 10.45 -42.83
N ASN B 62 30.03 10.70 -43.01
CA ASN B 62 30.91 9.74 -43.65
C ASN B 62 30.91 8.39 -42.94
N ALA B 63 30.55 8.34 -41.67
CA ALA B 63 30.54 7.09 -40.92
C ALA B 63 29.36 6.21 -41.33
N GLU B 74 24.17 2.83 -39.35
CA GLU B 74 23.29 4.01 -39.46
C GLU B 74 24.03 5.32 -39.21
N ILE B 75 23.41 6.42 -39.61
CA ILE B 75 23.96 7.76 -39.43
C ILE B 75 23.43 8.27 -38.09
N ASN B 76 24.22 8.11 -37.05
CA ASN B 76 23.89 8.61 -35.73
C ASN B 76 24.68 9.89 -35.46
N LEU B 77 24.58 10.40 -34.24
CA LEU B 77 25.33 11.58 -33.83
C LEU B 77 26.52 11.23 -32.94
N CYS B 78 26.56 10.04 -32.37
CA CYS B 78 27.48 9.72 -31.30
C CYS B 78 28.75 9.03 -31.80
N SER B 79 29.79 9.14 -30.98
CA SER B 79 31.09 8.53 -31.22
C SER B 79 31.88 8.64 -29.93
N GLN B 80 32.95 7.86 -29.85
CA GLN B 80 33.80 7.85 -28.65
C GLN B 80 34.91 8.90 -28.70
N THR B 81 34.86 9.81 -29.66
CA THR B 81 35.86 10.87 -29.80
C THR B 81 35.18 12.23 -29.98
N VAL B 82 34.25 12.53 -29.07
CA VAL B 82 33.54 13.80 -29.15
C VAL B 82 34.49 14.97 -28.99
N ASN B 83 35.58 14.79 -28.22
CA ASN B 83 36.50 15.88 -27.96
C ASN B 83 37.23 16.31 -29.22
N ALA B 84 37.44 15.39 -30.17
CA ALA B 84 38.09 15.74 -31.43
C ALA B 84 37.15 16.44 -32.39
N LEU B 85 35.84 16.48 -32.10
CA LEU B 85 34.87 17.15 -32.95
C LEU B 85 34.38 18.48 -32.40
N ILE B 86 34.29 18.61 -31.08
CA ILE B 86 33.77 19.82 -30.45
C ILE B 86 34.73 20.23 -29.33
N SER B 87 34.53 21.45 -28.85
CA SER B 87 35.25 21.97 -27.70
C SER B 87 34.38 21.77 -26.47
N ASP B 88 34.84 20.94 -25.52
CA ASP B 88 34.09 20.73 -24.30
C ASP B 88 34.07 21.99 -23.44
N ASN B 89 35.15 22.76 -23.43
CA ASN B 89 35.16 24.01 -22.70
C ASN B 89 34.11 24.99 -23.23
N LEU B 90 33.97 25.07 -24.56
CA LEU B 90 33.00 25.97 -25.16
C LEU B 90 31.57 25.54 -24.83
N LEU B 91 31.31 24.23 -24.88
CA LEU B 91 29.99 23.71 -24.52
C LEU B 91 29.68 23.99 -23.05
N MET B 92 30.66 23.77 -22.17
CA MET B 92 30.50 24.09 -20.75
C MET B 92 30.21 25.57 -20.56
N LYS B 93 30.93 26.42 -21.28
CA LYS B 93 30.75 27.86 -21.14
C LYS B 93 29.35 28.29 -21.58
N ASN B 94 28.87 27.75 -22.70
CA ASN B 94 27.51 28.09 -23.13
C ASN B 94 26.47 27.56 -22.15
N LYS B 95 26.70 26.37 -21.56
CA LYS B 95 25.78 25.87 -20.55
C LYS B 95 25.74 26.77 -19.32
N ILE B 96 26.91 27.22 -18.87
CA ILE B 96 26.95 28.13 -17.72
C ILE B 96 26.22 29.42 -18.04
N LYS B 97 26.47 29.99 -19.22
CA LYS B 97 25.74 31.19 -19.62
C LYS B 97 24.24 30.95 -19.61
N GLU B 98 23.80 29.78 -20.09
CA GLU B 98 22.39 29.43 -19.98
C GLU B 98 21.92 29.51 -18.53
N LEU B 99 22.66 28.86 -17.62
CA LEU B 99 22.24 28.78 -16.22
C LEU B 99 22.31 30.13 -15.52
N MET B 100 23.02 31.10 -16.08
CA MET B 100 23.05 32.45 -15.54
C MET B 100 21.99 33.36 -16.14
N SER B 101 21.17 32.85 -17.05
CA SER B 101 20.12 33.63 -17.71
C SER B 101 20.73 34.78 -18.51
N ILE B 102 21.88 34.55 -19.11
CA ILE B 102 22.55 35.54 -19.94
C ILE B 102 22.71 34.95 -21.33
N PRO B 103 22.96 35.80 -22.34
CA PRO B 103 23.01 35.30 -23.72
C PRO B 103 23.99 34.15 -23.89
N TYR B 104 23.55 33.12 -24.62
CA TYR B 104 24.37 31.95 -24.88
C TYR B 104 24.00 31.40 -26.24
N CYS B 105 24.69 30.33 -26.64
CA CYS B 105 24.53 29.71 -27.95
C CYS B 105 24.01 28.29 -27.79
N ASN B 106 22.96 27.95 -28.54
CA ASN B 106 22.43 26.59 -28.57
C ASN B 106 22.65 25.93 -29.93
N TYR B 107 23.76 26.25 -30.59
CA TYR B 107 24.26 25.49 -31.74
C TYR B 107 23.17 25.24 -32.77
N THR B 108 22.50 26.31 -33.18
CA THR B 108 21.37 26.20 -34.10
C THR B 108 21.52 27.17 -35.27
N LYS B 109 21.34 28.47 -35.03
CA LYS B 109 21.41 29.47 -36.07
C LYS B 109 22.69 30.28 -35.93
N PHE B 110 23.32 30.60 -37.07
CA PHE B 110 24.56 31.34 -37.12
C PHE B 110 24.46 32.42 -38.18
N TRP B 111 25.17 33.53 -37.94
CA TRP B 111 25.14 34.67 -38.84
C TRP B 111 26.54 34.99 -39.32
N TYR B 112 26.62 35.48 -40.55
CA TYR B 112 27.87 35.85 -41.19
C TYR B 112 27.65 37.10 -42.03
N VAL B 113 28.73 37.59 -42.64
CA VAL B 113 28.71 38.79 -43.44
C VAL B 113 29.24 38.42 -44.82
N ASN B 114 28.38 38.53 -45.84
CA ASN B 114 28.67 38.06 -47.18
C ASN B 114 28.79 39.24 -48.14
N HIS B 115 29.95 39.39 -48.75
CA HIS B 115 30.14 40.39 -49.80
C HIS B 115 29.40 39.93 -51.06
N THR B 116 28.14 40.34 -51.20
CA THR B 116 27.31 39.86 -52.31
C THR B 116 28.03 39.96 -53.65
N LEU B 117 28.88 40.99 -53.82
CA LEU B 117 29.60 41.18 -55.06
C LEU B 117 30.54 40.01 -55.33
N THR B 118 31.56 39.85 -54.49
CA THR B 118 32.55 38.78 -54.68
C THR B 118 31.99 37.43 -54.25
N GLY B 119 31.35 37.38 -53.08
CA GLY B 119 30.90 36.14 -52.50
C GLY B 119 31.73 35.69 -51.32
N GLN B 120 32.84 36.36 -51.04
CA GLN B 120 33.66 36.02 -49.87
C GLN B 120 32.98 36.52 -48.61
N HIS B 121 32.98 35.68 -47.58
CA HIS B 121 32.27 35.96 -46.35
C HIS B 121 33.14 35.60 -45.16
N THR B 122 32.71 36.04 -43.99
CA THR B 122 33.35 35.67 -42.75
C THR B 122 32.87 34.30 -42.29
N LEU B 123 33.56 33.76 -41.30
CA LEU B 123 33.14 32.48 -40.72
C LEU B 123 31.86 32.71 -39.92
N PRO B 124 30.79 31.96 -40.19
CA PRO B 124 29.57 32.12 -39.39
C PRO B 124 29.85 31.98 -37.90
N ARG B 125 29.28 32.88 -37.13
CA ARG B 125 29.36 32.86 -35.67
C ARG B 125 27.94 32.81 -35.10
N CYS B 126 27.83 32.29 -33.88
CA CYS B 126 26.53 31.91 -33.37
C CYS B 126 25.65 33.13 -33.13
N TRP B 127 24.35 32.96 -33.41
CA TRP B 127 23.32 33.95 -33.11
C TRP B 127 22.76 33.60 -31.74
N LEU B 128 23.19 34.33 -30.71
CA LEU B 128 22.89 33.95 -29.34
C LEU B 128 21.40 34.09 -29.02
N ILE B 129 20.99 33.40 -27.95
CA ILE B 129 19.64 33.48 -27.44
C ILE B 129 19.70 33.85 -25.96
N ARG B 130 18.68 34.57 -25.50
CA ARG B 130 18.50 34.86 -24.09
C ARG B 130 17.08 34.47 -23.69
N ASN B 131 16.96 33.48 -22.81
CA ASN B 131 15.66 32.99 -22.37
C ASN B 131 14.81 32.54 -23.56
N GLY B 132 15.40 31.69 -24.40
CA GLY B 132 14.68 31.07 -25.50
C GLY B 132 14.36 31.98 -26.67
N SER B 133 14.93 33.18 -26.74
CA SER B 133 14.65 34.11 -27.82
C SER B 133 15.95 34.61 -28.43
N TYR B 134 16.00 34.64 -29.76
CA TYR B 134 17.19 35.15 -30.45
C TYR B 134 17.31 36.65 -30.23
N LEU B 135 18.52 37.09 -29.90
CA LEU B 135 18.79 38.51 -29.77
C LEU B 135 18.37 39.24 -31.04
N ASN B 136 17.80 40.43 -30.88
CA ASN B 136 17.56 41.30 -32.01
C ASN B 136 18.89 41.78 -32.60
N THR B 137 18.93 41.93 -33.91
CA THR B 137 20.17 42.31 -34.57
C THR B 137 20.80 43.54 -33.94
N SER B 138 19.98 44.45 -33.42
CA SER B 138 20.51 45.67 -32.80
C SER B 138 21.29 45.39 -31.52
N GLU B 139 21.05 44.24 -30.89
CA GLU B 139 21.68 43.94 -29.61
C GLU B 139 23.14 43.51 -29.79
N PHE B 140 23.46 42.89 -30.92
CA PHE B 140 24.84 42.53 -31.23
C PHE B 140 25.26 43.22 -32.52
N ARG B 141 24.97 44.51 -32.65
CA ARG B 141 25.31 45.22 -33.88
C ARG B 141 26.80 45.52 -33.96
N ASN B 142 27.45 45.77 -32.82
CA ASN B 142 28.90 45.88 -32.82
C ASN B 142 29.54 44.63 -33.40
N ASP B 143 28.94 43.46 -33.16
CA ASP B 143 29.51 42.21 -33.64
C ASP B 143 29.60 42.22 -35.17
N TRP B 144 28.48 42.42 -35.87
CA TRP B 144 28.55 42.36 -37.32
C TRP B 144 29.20 43.61 -37.91
N ILE B 145 29.19 44.73 -37.21
CA ILE B 145 30.01 45.86 -37.64
C ILE B 145 31.48 45.44 -37.72
N LEU B 146 31.98 44.81 -36.65
CA LEU B 146 33.36 44.35 -36.65
C LEU B 146 33.59 43.28 -37.71
N GLU B 147 32.64 42.37 -37.88
CA GLU B 147 32.81 41.31 -38.87
C GLU B 147 32.91 41.88 -40.27
N SER B 148 32.07 42.86 -40.61
CA SER B 148 32.14 43.48 -41.93
C SER B 148 33.44 44.25 -42.09
N ASP B 149 33.86 44.98 -41.06
CA ASP B 149 35.13 45.69 -41.12
C ASP B 149 36.27 44.73 -41.44
N HIS B 150 36.33 43.60 -40.71
CA HIS B 150 37.39 42.63 -40.94
C HIS B 150 37.27 41.98 -42.31
N LEU B 151 36.05 41.71 -42.77
CA LEU B 151 35.86 41.16 -44.10
C LEU B 151 36.49 42.06 -45.16
N ILE B 152 36.14 43.35 -45.13
CA ILE B 152 36.65 44.25 -46.16
C ILE B 152 38.15 44.46 -46.00
N SER B 153 38.63 44.52 -44.76
CA SER B 153 40.06 44.62 -44.52
C SER B 153 40.80 43.44 -45.15
N GLU B 154 40.25 42.23 -45.00
CA GLU B 154 40.89 41.05 -45.55
C GLU B 154 40.80 41.02 -47.07
N MET B 155 39.69 41.50 -47.63
CA MET B 155 39.61 41.61 -49.09
C MET B 155 40.72 42.51 -49.62
N LEU B 156 40.89 43.68 -48.98
CA LEU B 156 41.95 44.60 -49.39
C LEU B 156 43.33 43.98 -49.22
N SER B 157 43.54 43.26 -48.11
CA SER B 157 44.84 42.65 -47.88
C SER B 157 45.13 41.58 -48.91
N LYS B 158 44.12 40.79 -49.30
CA LYS B 158 44.31 39.78 -50.33
C LYS B 158 44.66 40.43 -51.66
N GLU B 159 43.88 41.43 -52.07
CA GLU B 159 44.19 42.14 -53.31
C GLU B 159 45.62 42.67 -53.29
N TYR B 160 46.02 43.29 -52.18
CA TYR B 160 47.36 43.85 -52.06
C TYR B 160 48.42 42.76 -52.20
N ALA B 161 48.39 41.77 -51.31
CA ALA B 161 49.42 40.74 -51.30
C ALA B 161 49.47 39.96 -52.60
N GLU B 162 48.35 39.90 -53.35
CA GLU B 162 48.37 39.17 -54.62
C GLU B 162 48.95 40.04 -55.73
N ARG B 163 48.32 41.18 -56.02
CA ARG B 163 48.79 41.98 -57.15
C ARG B 163 50.10 42.70 -56.86
N GLN B 164 50.66 42.56 -55.65
CA GLN B 164 51.96 43.16 -55.38
C GLN B 164 53.04 42.62 -56.31
N GLY B 165 52.89 41.38 -56.76
CA GLY B 165 53.87 40.75 -57.63
C GLY B 165 54.68 39.67 -56.93
N GLN C 4 -11.46 7.25 2.79
CA GLN C 4 -11.81 7.32 1.34
C GLN C 4 -11.66 5.95 0.68
N VAL C 5 -10.58 5.24 1.02
CA VAL C 5 -10.42 3.86 0.56
C VAL C 5 -11.36 2.97 1.34
N GLN C 6 -12.14 2.15 0.64
CA GLN C 6 -13.18 1.34 1.25
C GLN C 6 -13.26 -0.02 0.57
N LEU C 7 -13.44 -1.06 1.38
CA LEU C 7 -13.67 -2.41 0.89
C LEU C 7 -14.96 -2.93 1.52
N GLN C 8 -15.99 -3.11 0.70
CA GLN C 8 -17.30 -3.55 1.17
C GLN C 8 -17.55 -4.97 0.69
N GLN C 9 -17.61 -5.91 1.62
CA GLN C 9 -17.85 -7.30 1.30
C GLN C 9 -19.34 -7.61 1.29
N SER C 10 -19.69 -8.73 0.67
CA SER C 10 -21.08 -9.16 0.61
C SER C 10 -21.54 -9.66 1.98
N GLY C 11 -22.83 -10.01 2.07
CA GLY C 11 -23.45 -10.33 3.34
C GLY C 11 -23.26 -11.79 3.73
N ALA C 12 -23.74 -12.09 4.94
CA ALA C 12 -23.62 -13.42 5.50
C ALA C 12 -24.31 -14.46 4.61
N GLU C 13 -23.74 -15.66 4.57
CA GLU C 13 -24.23 -16.75 3.74
C GLU C 13 -24.46 -17.98 4.60
N LEU C 14 -25.55 -18.69 4.31
CA LEU C 14 -25.90 -19.94 5.00
C LEU C 14 -26.20 -20.98 3.93
N VAL C 15 -25.33 -21.99 3.82
CA VAL C 15 -25.41 -22.95 2.73
C VAL C 15 -25.34 -24.36 3.32
N LYS C 16 -25.67 -25.31 2.51
CA LYS C 16 -25.68 -26.71 2.92
C LYS C 16 -24.41 -27.40 2.41
N PRO C 17 -23.97 -28.47 3.10
CA PRO C 17 -22.75 -29.15 2.67
C PRO C 17 -22.79 -29.52 1.20
N GLY C 18 -21.60 -29.58 0.59
CA GLY C 18 -21.48 -29.90 -0.82
C GLY C 18 -21.81 -28.77 -1.76
N ALA C 19 -22.29 -27.64 -1.25
CA ALA C 19 -22.65 -26.51 -2.09
C ALA C 19 -21.44 -25.64 -2.36
N SER C 20 -21.59 -24.74 -3.33
CA SER C 20 -20.59 -23.71 -3.63
C SER C 20 -21.14 -22.36 -3.22
N VAL C 21 -20.26 -21.37 -3.16
CA VAL C 21 -20.69 -20.01 -2.82
C VAL C 21 -19.61 -19.04 -3.23
N LYS C 22 -20.03 -17.92 -3.81
CA LYS C 22 -19.12 -16.87 -4.25
C LYS C 22 -19.36 -15.63 -3.40
N ILE C 23 -18.33 -15.19 -2.69
CA ILE C 23 -18.38 -13.97 -1.89
C ILE C 23 -17.66 -12.87 -2.65
N SER C 24 -18.13 -11.63 -2.45
CA SER C 24 -17.67 -10.50 -3.23
C SER C 24 -17.07 -9.44 -2.32
N CYS C 25 -16.28 -8.57 -2.94
CA CYS C 25 -15.55 -7.51 -2.22
C CYS C 25 -15.40 -6.34 -3.17
N LYS C 26 -16.18 -5.28 -2.96
CA LYS C 26 -16.17 -4.11 -3.82
C LYS C 26 -15.21 -3.07 -3.27
N ALA C 27 -14.30 -2.59 -4.13
CA ALA C 27 -13.27 -1.65 -3.75
C ALA C 27 -13.60 -0.24 -4.21
N SER C 28 -13.17 0.73 -3.41
CA SER C 28 -13.40 2.14 -3.71
C SER C 28 -12.22 2.95 -3.21
N GLY C 29 -11.88 4.00 -3.95
CA GLY C 29 -10.90 4.97 -3.51
C GLY C 29 -9.49 4.75 -4.00
N TYR C 30 -9.27 3.78 -4.89
CA TYR C 30 -7.92 3.54 -5.40
C TYR C 30 -8.03 2.78 -6.73
N ALA C 31 -6.90 2.71 -7.42
CA ALA C 31 -6.81 1.99 -8.70
C ALA C 31 -6.87 0.49 -8.43
N PHE C 32 -8.02 -0.12 -8.71
CA PHE C 32 -8.22 -1.52 -8.38
C PHE C 32 -7.16 -2.41 -9.04
N GLY C 33 -6.73 -2.06 -10.24
CA GLY C 33 -5.78 -2.89 -10.97
C GLY C 33 -4.33 -2.74 -10.57
N SER C 34 -4.03 -1.93 -9.57
CA SER C 34 -2.65 -1.67 -9.16
C SER C 34 -2.30 -2.25 -7.80
N HIS C 35 -3.23 -2.97 -7.16
CA HIS C 35 -3.02 -3.50 -5.82
C HIS C 35 -3.41 -4.96 -5.79
N TRP C 36 -2.59 -5.76 -5.11
CA TRP C 36 -2.96 -7.15 -4.84
C TRP C 36 -4.13 -7.18 -3.85
N MET C 37 -5.12 -8.02 -4.14
CA MET C 37 -6.26 -8.25 -3.26
C MET C 37 -6.10 -9.65 -2.68
N ASN C 38 -5.87 -9.71 -1.36
CA ASN C 38 -5.68 -10.93 -0.62
C ASN C 38 -6.98 -11.33 0.09
N TRP C 39 -7.07 -12.60 0.45
CA TRP C 39 -8.20 -13.11 1.23
C TRP C 39 -7.69 -13.84 2.46
N VAL C 40 -8.44 -13.73 3.55
CA VAL C 40 -8.03 -14.26 4.85
C VAL C 40 -9.22 -14.97 5.49
N LYS C 41 -8.94 -16.10 6.14
CA LYS C 41 -9.95 -16.91 6.80
C LYS C 41 -9.71 -16.92 8.30
N GLN C 42 -10.75 -16.58 9.07
CA GLN C 42 -10.68 -16.53 10.52
C GLN C 42 -11.73 -17.45 11.11
N ARG C 43 -11.31 -18.29 12.05
CA ARG C 43 -12.20 -19.09 12.88
C ARG C 43 -11.83 -18.88 14.33
N PRO C 44 -12.81 -18.99 15.25
CA PRO C 44 -12.48 -18.88 16.68
C PRO C 44 -11.39 -19.85 17.10
N GLY C 45 -10.30 -19.32 17.65
CA GLY C 45 -9.21 -20.14 18.13
C GLY C 45 -8.26 -20.64 17.06
N LYS C 46 -8.43 -20.25 15.80
CA LYS C 46 -7.56 -20.69 14.72
C LYS C 46 -6.84 -19.52 14.06
N GLY C 47 -6.72 -18.39 14.76
CA GLY C 47 -5.94 -17.28 14.24
C GLY C 47 -6.46 -16.81 12.90
N LEU C 48 -5.53 -16.47 12.02
CA LEU C 48 -5.84 -15.98 10.68
C LEU C 48 -5.06 -16.81 9.67
N GLU C 49 -5.76 -17.30 8.65
CA GLU C 49 -5.15 -18.09 7.58
C GLU C 49 -5.20 -17.32 6.28
N TRP C 50 -4.07 -17.28 5.57
CA TRP C 50 -3.99 -16.62 4.28
C TRP C 50 -4.44 -17.59 3.20
N ILE C 51 -5.44 -17.18 2.42
CA ILE C 51 -6.04 -18.05 1.42
C ILE C 51 -5.30 -17.87 0.09
N GLY C 52 -5.25 -16.63 -0.38
CA GLY C 52 -4.60 -16.35 -1.65
C GLY C 52 -4.67 -14.88 -1.97
N GLN C 53 -4.25 -14.55 -3.19
CA GLN C 53 -4.19 -13.17 -3.65
C GLN C 53 -4.35 -13.14 -5.16
N ILE C 54 -4.97 -12.07 -5.64
CA ILE C 54 -5.15 -11.85 -7.07
C ILE C 54 -4.71 -10.43 -7.41
N TYR C 55 -4.12 -10.27 -8.58
CA TYR C 55 -3.76 -8.95 -9.10
C TYR C 55 -4.72 -8.62 -10.24
N PRO C 56 -5.73 -7.78 -10.01
CA PRO C 56 -6.73 -7.54 -11.07
C PRO C 56 -6.14 -6.95 -12.35
N GLY C 57 -4.97 -6.34 -12.30
CA GLY C 57 -4.34 -5.82 -13.50
C GLY C 57 -4.23 -6.86 -14.60
N ASP C 58 -3.39 -7.88 -14.38
CA ASP C 58 -3.25 -8.98 -15.31
C ASP C 58 -4.06 -10.21 -14.91
N GLY C 59 -4.59 -10.25 -13.69
CA GLY C 59 -5.39 -11.36 -13.24
C GLY C 59 -4.61 -12.52 -12.64
N ASP C 60 -3.30 -12.36 -12.45
CA ASP C 60 -2.50 -13.44 -11.87
C ASP C 60 -2.98 -13.75 -10.47
N THR C 61 -3.04 -15.04 -10.14
CA THR C 61 -3.46 -15.50 -8.83
C THR C 61 -2.36 -16.34 -8.19
N ASN C 62 -2.12 -16.10 -6.91
CA ASN C 62 -1.23 -16.93 -6.09
C ASN C 62 -2.04 -17.48 -4.94
N TYR C 63 -2.12 -18.81 -4.86
CA TYR C 63 -2.91 -19.48 -3.85
C TYR C 63 -2.02 -20.09 -2.78
N ASN C 64 -2.57 -20.21 -1.56
CA ASN C 64 -1.97 -21.04 -0.53
C ASN C 64 -2.24 -22.51 -0.87
N GLY C 65 -1.19 -23.34 -0.77
CA GLY C 65 -1.35 -24.74 -1.13
C GLY C 65 -2.52 -25.42 -0.42
N LYS C 66 -2.79 -25.02 0.83
CA LYS C 66 -3.86 -25.66 1.59
C LYS C 66 -5.23 -25.38 0.98
N PHE C 67 -5.41 -24.20 0.40
CA PHE C 67 -6.70 -23.80 -0.15
C PHE C 67 -6.79 -23.98 -1.66
N LYS C 68 -5.69 -24.29 -2.34
CA LYS C 68 -5.74 -24.62 -3.75
C LYS C 68 -6.72 -25.77 -3.96
N GLY C 69 -7.74 -25.56 -4.78
CA GLY C 69 -8.78 -26.51 -5.02
C GLY C 69 -10.07 -26.23 -4.26
N LYS C 70 -9.96 -25.59 -3.10
CA LYS C 70 -11.13 -25.15 -2.35
C LYS C 70 -11.58 -23.75 -2.78
N ALA C 71 -10.64 -22.85 -2.99
CA ALA C 71 -10.94 -21.46 -3.30
C ALA C 71 -10.54 -21.14 -4.74
N THR C 72 -11.30 -20.22 -5.35
CA THR C 72 -11.00 -19.71 -6.68
C THR C 72 -11.21 -18.21 -6.68
N LEU C 73 -10.17 -17.46 -7.01
CA LEU C 73 -10.20 -16.00 -6.97
C LEU C 73 -10.34 -15.43 -8.36
N THR C 74 -11.30 -14.52 -8.54
CA THR C 74 -11.48 -13.78 -9.78
C THR C 74 -11.66 -12.30 -9.46
N ALA C 75 -11.64 -11.48 -10.51
CA ALA C 75 -11.79 -10.05 -10.35
C ALA C 75 -12.55 -9.48 -11.55
N ASP C 76 -13.15 -8.32 -11.34
CA ASP C 76 -13.85 -7.57 -12.38
C ASP C 76 -13.44 -6.11 -12.24
N LYS C 77 -12.65 -5.62 -13.20
CA LYS C 77 -12.09 -4.28 -13.09
C LYS C 77 -13.17 -3.22 -13.28
N SER C 78 -14.12 -3.46 -14.18
CA SER C 78 -15.19 -2.50 -14.39
C SER C 78 -15.92 -2.19 -13.09
N SER C 79 -16.37 -3.23 -12.39
CA SER C 79 -17.04 -3.07 -11.11
C SER C 79 -16.07 -2.94 -9.94
N SER C 80 -14.76 -3.05 -10.19
CA SER C 80 -13.76 -2.98 -9.14
C SER C 80 -14.11 -3.94 -8.01
N THR C 81 -14.41 -5.19 -8.37
CA THR C 81 -14.91 -6.16 -7.42
C THR C 81 -14.12 -7.45 -7.51
N ALA C 82 -13.60 -7.92 -6.38
CA ALA C 82 -12.96 -9.22 -6.27
C ALA C 82 -13.97 -10.26 -5.80
N TYR C 83 -13.76 -11.50 -6.21
CA TYR C 83 -14.66 -12.60 -5.89
C TYR C 83 -13.87 -13.81 -5.48
N MET C 84 -14.35 -14.48 -4.42
CA MET C 84 -13.79 -15.74 -3.97
C MET C 84 -14.90 -16.79 -3.99
N GLN C 85 -14.71 -17.84 -4.78
CA GLN C 85 -15.68 -18.92 -4.91
C GLN C 85 -15.17 -20.17 -4.21
N PHE C 86 -16.01 -20.75 -3.35
CA PHE C 86 -15.74 -21.99 -2.67
C PHE C 86 -16.57 -23.12 -3.29
N SER C 87 -15.96 -24.29 -3.40
CA SER C 87 -16.61 -25.49 -3.91
C SER C 87 -16.58 -26.59 -2.85
N SER C 88 -17.51 -27.53 -2.97
CA SER C 88 -17.61 -28.68 -2.07
C SER C 88 -17.47 -28.26 -0.61
N LEU C 89 -18.30 -27.28 -0.22
CA LEU C 89 -18.21 -26.73 1.12
C LEU C 89 -18.45 -27.80 2.17
N THR C 90 -17.73 -27.69 3.29
CA THR C 90 -17.90 -28.56 4.44
C THR C 90 -18.06 -27.69 5.69
N SER C 91 -18.45 -28.32 6.80
CA SER C 91 -18.55 -27.56 8.04
C SER C 91 -17.20 -26.99 8.47
N GLU C 92 -16.10 -27.57 7.99
CA GLU C 92 -14.78 -26.99 8.26
C GLU C 92 -14.57 -25.67 7.55
N ASP C 93 -15.42 -25.33 6.58
CA ASP C 93 -15.29 -24.09 5.83
C ASP C 93 -16.10 -22.95 6.45
N SER C 94 -16.93 -23.22 7.44
CA SER C 94 -17.64 -22.16 8.14
C SER C 94 -16.64 -21.26 8.85
N ALA C 95 -16.71 -19.96 8.58
CA ALA C 95 -15.70 -19.04 9.13
C ALA C 95 -16.10 -17.62 8.76
N VAL C 96 -15.19 -16.67 9.04
CA VAL C 96 -15.32 -15.30 8.57
C VAL C 96 -14.21 -15.07 7.56
N TYR C 97 -14.55 -14.47 6.44
CA TYR C 97 -13.61 -14.27 5.34
C TYR C 97 -13.47 -12.78 5.09
N PHE C 98 -12.22 -12.30 5.13
CA PHE C 98 -11.89 -10.91 4.86
C PHE C 98 -11.21 -10.82 3.51
N CYS C 99 -11.49 -9.73 2.80
CA CYS C 99 -10.65 -9.28 1.69
C CYS C 99 -9.80 -8.12 2.20
N ALA C 100 -8.53 -8.10 1.79
CA ALA C 100 -7.61 -7.08 2.23
C ALA C 100 -6.75 -6.63 1.06
N ARG C 101 -6.21 -5.42 1.17
CA ARG C 101 -5.46 -4.80 0.09
C ARG C 101 -4.00 -4.63 0.51
N ASP C 102 -3.09 -4.96 -0.40
CA ASP C 102 -1.69 -4.62 -0.23
C ASP C 102 -1.45 -3.19 -0.70
N ASP C 103 -0.37 -2.58 -0.19
CA ASP C 103 -0.04 -1.22 -0.57
C ASP C 103 0.58 -1.18 -1.97
N TYR C 104 0.67 0.02 -2.52
CA TYR C 104 1.17 0.18 -3.88
C TYR C 104 2.58 -0.41 -4.00
N GLY C 105 2.77 -1.25 -5.00
CA GLY C 105 3.96 -2.08 -5.07
C GLY C 105 3.62 -3.51 -4.70
N THR C 106 4.38 -4.08 -3.79
CA THR C 106 4.02 -5.37 -3.18
C THR C 106 4.82 -5.52 -1.89
N ARG C 107 4.30 -4.94 -0.81
CA ARG C 107 4.97 -4.92 0.48
C ARG C 107 4.54 -6.08 1.37
N TYR C 108 3.55 -6.86 0.94
CA TYR C 108 3.03 -7.97 1.74
C TYR C 108 2.63 -7.52 3.13
N TYR C 109 1.94 -6.37 3.19
CA TYR C 109 1.21 -5.97 4.39
C TYR C 109 -0.14 -5.44 3.94
N PHE C 110 -1.17 -5.71 4.74
CA PHE C 110 -2.56 -5.45 4.35
C PHE C 110 -3.01 -4.16 5.02
N ASP C 111 -3.06 -3.08 4.23
CA ASP C 111 -3.30 -1.74 4.76
C ASP C 111 -4.78 -1.38 4.82
N TYR C 112 -5.65 -2.11 4.14
CA TYR C 112 -7.08 -1.83 4.17
C TYR C 112 -7.85 -3.14 4.13
N TRP C 113 -8.78 -3.31 5.07
CA TRP C 113 -9.55 -4.55 5.21
C TRP C 113 -11.03 -4.30 4.99
N GLY C 114 -11.70 -5.32 4.44
CA GLY C 114 -13.15 -5.32 4.42
C GLY C 114 -13.72 -5.69 5.77
N GLN C 115 -15.04 -5.54 5.91
CA GLN C 115 -15.70 -5.79 7.19
C GLN C 115 -15.83 -7.28 7.50
N GLY C 116 -15.62 -8.15 6.53
CA GLY C 116 -15.74 -9.58 6.74
C GLY C 116 -17.08 -10.11 6.26
N THR C 117 -17.08 -11.38 5.88
CA THR C 117 -18.29 -12.08 5.45
C THR C 117 -18.36 -13.41 6.21
N THR C 118 -19.46 -13.63 6.90
CA THR C 118 -19.66 -14.85 7.68
C THR C 118 -20.26 -15.92 6.77
N LEU C 119 -19.58 -17.06 6.66
CA LEU C 119 -20.08 -18.22 5.91
C LEU C 119 -20.38 -19.33 6.91
N THR C 120 -21.60 -19.86 6.85
CA THR C 120 -22.01 -21.00 7.67
C THR C 120 -22.43 -22.14 6.76
N VAL C 121 -21.82 -23.31 6.96
CA VAL C 121 -22.14 -24.52 6.21
C VAL C 121 -22.77 -25.50 7.19
N SER C 122 -24.01 -25.89 6.93
CA SER C 122 -24.76 -26.70 7.87
C SER C 122 -25.91 -27.38 7.14
N SER C 123 -26.21 -28.62 7.54
CA SER C 123 -27.37 -29.33 7.05
C SER C 123 -28.60 -29.09 7.93
N ALA C 124 -28.47 -28.29 8.97
CA ALA C 124 -29.58 -28.01 9.86
C ALA C 124 -30.63 -27.16 9.16
N THR C 125 -31.89 -27.36 9.56
CA THR C 125 -33.02 -26.65 8.98
C THR C 125 -33.47 -25.54 9.92
N THR C 126 -34.05 -24.50 9.33
CA THR C 126 -34.50 -23.35 10.12
C THR C 126 -35.59 -23.76 11.09
N LYS C 127 -35.53 -23.22 12.31
CA LYS C 127 -36.50 -23.54 13.34
C LYS C 127 -36.52 -22.42 14.36
N GLY C 128 -37.72 -22.00 14.76
CA GLY C 128 -37.89 -20.96 15.74
C GLY C 128 -37.60 -21.44 17.15
N PRO C 129 -37.32 -20.50 18.05
CA PRO C 129 -36.97 -20.88 19.43
C PRO C 129 -38.18 -21.13 20.31
N SER C 130 -37.96 -21.92 21.36
CA SER C 130 -38.88 -22.03 22.48
C SER C 130 -38.34 -21.18 23.62
N VAL C 131 -39.20 -20.38 24.23
CA VAL C 131 -38.82 -19.45 25.29
C VAL C 131 -39.44 -19.92 26.59
N TYR C 132 -38.59 -20.09 27.60
CA TYR C 132 -39.04 -20.53 28.92
C TYR C 132 -38.61 -19.52 29.98
N PRO C 133 -39.44 -19.27 30.99
CA PRO C 133 -39.04 -18.36 32.06
C PRO C 133 -38.12 -19.05 33.05
N LEU C 134 -37.33 -18.22 33.75
CA LEU C 134 -36.42 -18.67 34.78
C LEU C 134 -36.67 -17.79 35.99
N ALA C 135 -37.44 -18.31 36.95
CA ALA C 135 -37.79 -17.62 38.18
C ALA C 135 -37.26 -18.41 39.37
N PRO C 136 -36.90 -17.71 40.46
CA PRO C 136 -36.36 -18.43 41.63
C PRO C 136 -37.40 -19.36 42.24
N SER C 137 -36.93 -20.47 42.78
CA SER C 137 -37.82 -21.43 43.41
C SER C 137 -38.61 -20.78 44.53
N ALA C 138 -39.76 -21.37 44.85
CA ALA C 138 -40.60 -20.87 45.93
C ALA C 138 -39.80 -20.75 47.23
N ALA C 139 -38.88 -21.68 47.47
CA ALA C 139 -38.00 -21.65 48.62
C ALA C 139 -36.68 -21.04 48.18
N ALA C 140 -36.54 -19.73 48.38
CA ALA C 140 -35.34 -19.01 47.99
C ALA C 140 -35.14 -17.82 48.91
N GLN C 141 -33.89 -17.36 48.97
CA GLN C 141 -33.55 -16.24 49.84
C GLN C 141 -34.19 -14.95 49.34
N THR C 142 -34.40 -14.01 50.25
CA THR C 142 -34.91 -12.69 49.94
C THR C 142 -33.78 -11.67 50.11
N ASN C 143 -32.84 -11.71 49.17
CA ASN C 143 -31.69 -10.81 49.17
C ASN C 143 -32.11 -9.43 48.66
N SER C 144 -31.17 -8.47 48.76
CA SER C 144 -31.45 -7.12 48.29
C SER C 144 -31.74 -7.09 46.79
N MET C 145 -31.20 -8.05 46.04
CA MET C 145 -31.42 -8.15 44.61
C MET C 145 -32.02 -9.51 44.28
N VAL C 146 -32.64 -9.59 43.10
CA VAL C 146 -33.18 -10.84 42.59
C VAL C 146 -32.81 -10.95 41.11
N THR C 147 -32.40 -12.15 40.71
CA THR C 147 -32.02 -12.43 39.33
C THR C 147 -33.09 -13.30 38.69
N LEU C 148 -33.49 -12.92 37.48
CA LEU C 148 -34.45 -13.67 36.68
C LEU C 148 -33.83 -13.92 35.32
N GLY C 149 -34.47 -14.77 34.53
CA GLY C 149 -33.90 -15.05 33.22
C GLY C 149 -34.90 -15.59 32.23
N CYS C 150 -34.44 -15.67 30.99
CA CYS C 150 -35.18 -16.33 29.92
C CYS C 150 -34.26 -17.33 29.23
N LEU C 151 -34.81 -18.52 28.97
CA LEU C 151 -34.09 -19.59 28.29
C LEU C 151 -34.64 -19.72 26.88
N VAL C 152 -33.80 -19.44 25.90
CA VAL C 152 -34.17 -19.52 24.49
C VAL C 152 -33.51 -20.76 23.93
N LYS C 153 -34.31 -21.77 23.59
CA LYS C 153 -33.79 -23.11 23.31
C LYS C 153 -34.31 -23.61 21.97
N GLY C 154 -33.45 -24.35 21.27
CA GLY C 154 -33.87 -25.08 20.09
C GLY C 154 -34.22 -24.20 18.91
N TYR C 155 -33.25 -23.44 18.40
CA TYR C 155 -33.48 -22.59 17.23
C TYR C 155 -32.29 -22.69 16.30
N PHE C 156 -32.50 -22.25 15.06
CA PHE C 156 -31.44 -22.21 14.07
C PHE C 156 -31.90 -21.37 12.89
N PRO C 157 -31.01 -20.56 12.30
CA PRO C 157 -29.62 -20.29 12.68
C PRO C 157 -29.51 -19.16 13.69
N GLU C 158 -28.29 -18.76 14.05
CA GLU C 158 -28.12 -17.50 14.76
C GLU C 158 -28.53 -16.35 13.83
N PRO C 159 -28.83 -15.17 14.40
CA PRO C 159 -28.86 -14.82 15.82
C PRO C 159 -30.27 -14.71 16.38
N VAL C 160 -30.39 -14.51 17.70
CA VAL C 160 -31.62 -14.07 18.34
C VAL C 160 -31.30 -12.83 19.15
N THR C 161 -32.32 -11.99 19.35
CA THR C 161 -32.18 -10.79 20.15
C THR C 161 -33.12 -10.87 21.34
N VAL C 162 -32.59 -10.54 22.52
CA VAL C 162 -33.35 -10.56 23.77
C VAL C 162 -33.32 -9.17 24.37
N THR C 163 -34.50 -8.60 24.61
CA THR C 163 -34.62 -7.37 25.39
C THR C 163 -35.52 -7.63 26.59
N TRP C 164 -35.58 -6.67 27.50
CA TRP C 164 -36.40 -6.80 28.70
C TRP C 164 -37.31 -5.58 28.81
N ASN C 165 -38.60 -5.83 28.99
CA ASN C 165 -39.60 -4.78 29.02
C ASN C 165 -39.44 -3.86 27.81
N SER C 166 -39.34 -4.47 26.64
CA SER C 166 -39.25 -3.76 25.36
C SER C 166 -38.03 -2.84 25.32
N GLY C 167 -36.98 -3.18 26.07
CA GLY C 167 -35.78 -2.39 26.12
C GLY C 167 -35.72 -1.38 27.24
N SER C 168 -36.82 -1.16 27.95
CA SER C 168 -36.82 -0.21 29.06
C SER C 168 -36.00 -0.68 30.24
N LEU C 169 -35.57 -1.95 30.25
CA LEU C 169 -34.79 -2.52 31.34
C LEU C 169 -33.48 -3.03 30.73
N SER C 170 -32.40 -2.27 30.90
CA SER C 170 -31.12 -2.57 30.28
C SER C 170 -29.98 -2.70 31.26
N SER C 171 -30.05 -2.04 32.42
CA SER C 171 -29.04 -2.21 33.45
C SER C 171 -29.25 -3.54 34.16
N GLY C 172 -28.14 -4.15 34.58
CA GLY C 172 -28.21 -5.45 35.22
C GLY C 172 -28.66 -6.56 34.31
N VAL C 173 -28.45 -6.40 33.00
CA VAL C 173 -28.88 -7.37 32.01
C VAL C 173 -27.65 -7.85 31.25
N HIS C 174 -27.64 -9.13 30.90
CA HIS C 174 -26.67 -9.61 29.92
C HIS C 174 -27.11 -10.96 29.39
N THR C 175 -26.84 -11.17 28.10
CA THR C 175 -27.24 -12.38 27.39
C THR C 175 -26.01 -13.18 27.01
N PHE C 176 -26.06 -14.49 27.24
CA PHE C 176 -24.89 -15.33 27.04
C PHE C 176 -24.79 -15.76 25.57
N PRO C 177 -23.58 -16.02 25.09
CA PRO C 177 -23.43 -16.49 23.71
C PRO C 177 -24.12 -17.83 23.52
N ALA C 178 -24.79 -17.98 22.39
CA ALA C 178 -25.49 -19.22 22.09
C ALA C 178 -24.49 -20.37 21.94
N VAL C 179 -24.92 -21.55 22.36
CA VAL C 179 -24.15 -22.78 22.21
C VAL C 179 -24.94 -23.71 21.29
N LEU C 180 -24.23 -24.38 20.41
CA LEU C 180 -24.85 -25.25 19.40
C LEU C 180 -24.75 -26.70 19.86
N GLN C 181 -25.90 -27.36 19.98
CA GLN C 181 -25.99 -28.76 20.32
C GLN C 181 -26.97 -29.41 19.35
N SER C 182 -26.55 -30.48 18.71
CA SER C 182 -27.39 -31.28 17.83
C SER C 182 -28.20 -30.38 16.87
N ASP C 183 -27.46 -29.56 16.13
CA ASP C 183 -28.03 -28.72 15.07
C ASP C 183 -29.04 -27.71 15.60
N LEU C 184 -28.93 -27.33 16.87
CA LEU C 184 -29.85 -26.35 17.43
C LEU C 184 -29.14 -25.50 18.47
N TYR C 185 -29.47 -24.21 18.48
CA TYR C 185 -28.82 -23.25 19.37
C TYR C 185 -29.62 -23.07 20.66
N THR C 186 -28.91 -22.82 21.74
CA THR C 186 -29.52 -22.47 23.01
C THR C 186 -28.74 -21.35 23.66
N LEU C 187 -29.45 -20.37 24.20
CA LEU C 187 -28.84 -19.32 25.01
C LEU C 187 -29.80 -18.93 26.13
N SER C 188 -29.32 -18.06 27.01
CA SER C 188 -30.12 -17.52 28.09
C SER C 188 -29.78 -16.06 28.27
N SER C 189 -30.73 -15.32 28.82
CA SER C 189 -30.55 -13.92 29.15
C SER C 189 -30.87 -13.73 30.63
N SER C 190 -29.98 -13.05 31.34
CA SER C 190 -30.09 -12.78 32.76
C SER C 190 -30.43 -11.31 32.99
N VAL C 191 -31.29 -11.05 33.98
CA VAL C 191 -31.63 -9.68 34.38
C VAL C 191 -31.73 -9.64 35.90
N THR C 192 -31.08 -8.66 36.51
CA THR C 192 -31.10 -8.49 37.95
C THR C 192 -31.83 -7.19 38.28
N VAL C 193 -32.68 -7.24 39.31
CA VAL C 193 -33.43 -6.05 39.73
C VAL C 193 -33.57 -6.06 41.25
N PRO C 194 -33.79 -4.89 41.86
CA PRO C 194 -34.05 -4.87 43.32
C PRO C 194 -35.16 -5.84 43.70
N SER C 195 -34.93 -6.56 44.80
CA SER C 195 -35.88 -7.59 45.23
C SER C 195 -37.26 -6.99 45.49
N SER C 196 -37.33 -5.77 46.02
CA SER C 196 -38.60 -5.12 46.25
C SER C 196 -39.34 -4.86 44.94
N THR C 197 -38.59 -4.52 43.89
CA THR C 197 -39.20 -4.27 42.58
C THR C 197 -40.06 -5.44 42.12
N TRP C 198 -39.59 -6.66 42.35
CA TRP C 198 -40.24 -7.86 41.84
C TRP C 198 -40.90 -8.64 42.97
N PRO C 199 -42.09 -9.24 42.73
CA PRO C 199 -42.87 -9.29 41.49
C PRO C 199 -43.86 -8.17 41.28
N SER C 200 -43.88 -7.13 42.12
CA SER C 200 -44.87 -6.07 41.96
C SER C 200 -44.76 -5.43 40.58
N GLN C 201 -43.53 -5.12 40.15
CA GLN C 201 -43.25 -4.59 38.82
C GLN C 201 -42.81 -5.75 37.94
N THR C 202 -43.62 -6.09 36.95
CA THR C 202 -43.38 -7.30 36.18
C THR C 202 -42.17 -7.14 35.27
N VAL C 203 -41.54 -8.27 34.97
CA VAL C 203 -40.36 -8.35 34.12
C VAL C 203 -40.70 -9.27 32.96
N THR C 204 -40.56 -8.77 31.74
CA THR C 204 -40.97 -9.49 30.54
C THR C 204 -39.83 -9.48 29.54
N CYS C 205 -39.40 -10.67 29.10
CA CYS C 205 -38.34 -10.77 28.11
C CYS C 205 -38.96 -10.90 26.72
N ASN C 206 -38.39 -10.15 25.78
CA ASN C 206 -38.83 -10.12 24.38
C ASN C 206 -37.75 -10.78 23.54
N VAL C 207 -38.07 -11.93 22.96
CA VAL C 207 -37.15 -12.72 22.17
C VAL C 207 -37.55 -12.59 20.71
N ALA C 208 -36.58 -12.36 19.84
CA ALA C 208 -36.81 -12.25 18.41
C ALA C 208 -35.82 -13.14 17.67
N HIS C 209 -36.35 -13.97 16.77
CA HIS C 209 -35.56 -14.80 15.87
C HIS C 209 -35.93 -14.43 14.45
N PRO C 210 -35.17 -13.54 13.79
CA PRO C 210 -35.57 -13.09 12.45
C PRO C 210 -35.64 -14.19 11.42
N ALA C 211 -34.65 -15.09 11.39
CA ALA C 211 -34.60 -16.13 10.37
C ALA C 211 -35.89 -16.93 10.29
N SER C 212 -36.59 -17.08 11.42
CA SER C 212 -37.88 -17.74 11.47
C SER C 212 -39.04 -16.77 11.63
N SER C 213 -38.77 -15.46 11.60
CA SER C 213 -39.79 -14.44 11.80
C SER C 213 -40.60 -14.73 13.05
N THR C 214 -39.91 -15.06 14.13
CA THR C 214 -40.53 -15.39 15.40
C THR C 214 -40.32 -14.24 16.39
N LYS C 215 -41.39 -13.85 17.08
CA LYS C 215 -41.33 -12.85 18.13
C LYS C 215 -42.17 -13.34 19.30
N VAL C 216 -41.55 -13.48 20.46
CA VAL C 216 -42.21 -14.04 21.63
C VAL C 216 -41.94 -13.15 22.85
N ASP C 217 -42.98 -12.89 23.63
CA ASP C 217 -42.85 -12.22 24.91
C ASP C 217 -43.14 -13.24 26.02
N LYS C 218 -42.33 -13.19 27.08
CA LYS C 218 -42.48 -14.11 28.20
C LYS C 218 -42.34 -13.34 29.50
N LYS C 219 -43.42 -13.30 30.27
CA LYS C 219 -43.40 -12.68 31.58
C LYS C 219 -42.89 -13.68 32.62
N ILE C 220 -42.01 -13.20 33.49
CA ILE C 220 -41.46 -14.02 34.57
C ILE C 220 -42.36 -13.86 35.78
N VAL C 221 -43.08 -14.92 36.13
CA VAL C 221 -44.02 -14.89 37.25
C VAL C 221 -43.45 -15.71 38.41
N PRO C 222 -43.64 -15.29 39.65
CA PRO C 222 -43.13 -16.10 40.77
C PRO C 222 -43.81 -17.46 40.82
N ARG C 223 -43.08 -18.43 41.34
CA ARG C 223 -43.55 -19.82 41.34
C ARG C 223 -44.48 -20.08 42.51
N ASP C 224 -45.28 -21.13 42.38
CA ASP C 224 -46.23 -21.53 43.41
C ASP C 224 -47.20 -20.40 43.74
N GLY D 3 7.36 -26.45 4.93
CA GLY D 3 8.19 -25.36 4.47
C GLY D 3 7.61 -24.00 4.79
N ASP D 4 6.35 -23.97 5.24
CA ASP D 4 5.71 -22.72 5.61
C ASP D 4 6.38 -22.13 6.85
N ILE D 5 5.99 -20.91 7.17
CA ILE D 5 6.63 -20.11 8.22
C ILE D 5 5.60 -19.93 9.32
N GLN D 6 5.88 -20.47 10.49
CA GLN D 6 4.93 -20.48 11.60
C GLN D 6 5.17 -19.28 12.50
N MET D 7 4.12 -18.51 12.75
CA MET D 7 4.17 -17.40 13.70
C MET D 7 3.58 -17.85 15.03
N THR D 8 4.22 -17.46 16.12
CA THR D 8 3.86 -17.96 17.45
C THR D 8 3.69 -16.79 18.41
N GLN D 9 2.44 -16.54 18.81
CA GLN D 9 2.12 -15.59 19.88
C GLN D 9 1.79 -16.41 21.12
N THR D 10 2.83 -16.63 21.95
CA THR D 10 2.71 -17.57 23.06
C THR D 10 1.55 -17.23 23.99
N THR D 11 1.27 -15.95 24.18
CA THR D 11 0.23 -15.51 25.11
C THR D 11 -1.06 -15.27 24.34
N SER D 12 -2.11 -16.03 24.69
CA SER D 12 -3.40 -15.89 24.04
C SER D 12 -4.29 -14.86 24.72
N SER D 13 -4.12 -14.66 26.02
CA SER D 13 -4.89 -13.67 26.77
C SER D 13 -3.95 -12.95 27.72
N LEU D 14 -4.18 -11.64 27.90
CA LEU D 14 -3.31 -10.81 28.72
C LEU D 14 -4.17 -9.77 29.42
N SER D 15 -4.06 -9.72 30.75
CA SER D 15 -4.81 -8.75 31.56
C SER D 15 -3.91 -7.58 31.94
N ALA D 16 -4.49 -6.39 31.97
CA ALA D 16 -3.73 -5.18 32.28
C ALA D 16 -4.70 -4.08 32.66
N SER D 17 -4.24 -3.19 33.54
CA SER D 17 -5.01 -2.03 33.95
C SER D 17 -4.72 -0.86 33.03
N LEU D 18 -5.74 0.01 32.86
CA LEU D 18 -5.58 1.20 32.04
C LEU D 18 -4.37 2.01 32.51
N GLY D 19 -3.55 2.44 31.55
CA GLY D 19 -2.34 3.17 31.84
C GLY D 19 -1.10 2.33 32.04
N ASP D 20 -1.19 1.01 31.85
CA ASP D 20 -0.05 0.13 32.01
C ASP D 20 0.74 0.03 30.71
N ARG D 21 1.96 -0.51 30.82
CA ARG D 21 2.76 -0.88 29.66
C ARG D 21 2.51 -2.35 29.35
N VAL D 22 2.11 -2.65 28.12
CA VAL D 22 1.81 -4.01 27.69
C VAL D 22 2.78 -4.37 26.58
N SER D 23 3.25 -5.62 26.59
CA SER D 23 4.13 -6.15 25.57
C SER D 23 3.56 -7.47 25.07
N ILE D 24 3.42 -7.58 23.75
CA ILE D 24 2.94 -8.80 23.11
C ILE D 24 4.06 -9.34 22.25
N SER D 25 4.49 -10.57 22.53
CA SER D 25 5.61 -11.17 21.82
C SER D 25 5.13 -11.93 20.59
N CYS D 26 5.97 -11.96 19.58
CA CYS D 26 5.73 -12.72 18.36
C CYS D 26 7.03 -13.40 17.95
N ARG D 27 6.97 -14.71 17.72
CA ARG D 27 8.14 -15.49 17.38
C ARG D 27 7.94 -16.16 16.03
N ALA D 28 8.97 -16.10 15.19
CA ALA D 28 8.93 -16.68 13.85
C ALA D 28 9.74 -17.97 13.82
N SER D 29 9.24 -18.95 13.06
CA SER D 29 9.96 -20.21 12.92
C SER D 29 11.24 -20.06 12.09
N GLN D 30 11.30 -19.04 11.22
CA GLN D 30 12.48 -18.74 10.45
C GLN D 30 12.78 -17.25 10.57
N ASP D 31 14.03 -16.89 10.32
CA ASP D 31 14.39 -15.48 10.24
C ASP D 31 13.58 -14.82 9.12
N ILE D 32 12.82 -13.79 9.47
CA ILE D 32 11.98 -13.08 8.52
C ILE D 32 12.48 -11.69 8.21
N ASN D 33 13.59 -11.26 8.81
CA ASN D 33 14.31 -10.05 8.40
C ASN D 33 13.45 -8.80 8.55
N ASN D 34 12.86 -8.65 9.74
CA ASN D 34 12.11 -7.46 10.15
C ASN D 34 10.84 -7.24 9.34
N TYR D 35 10.47 -8.16 8.46
CA TYR D 35 9.23 -8.04 7.69
C TYR D 35 8.05 -8.58 8.51
N LEU D 36 7.82 -7.92 9.63
CA LEU D 36 6.74 -8.26 10.55
C LEU D 36 5.79 -7.09 10.68
N ASN D 37 4.49 -7.39 10.66
CA ASN D 37 3.44 -6.39 10.72
C ASN D 37 2.44 -6.75 11.80
N TRP D 38 1.91 -5.72 12.46
CA TRP D 38 0.98 -5.89 13.57
C TRP D 38 -0.39 -5.35 13.19
N TYR D 39 -1.42 -6.19 13.38
CA TYR D 39 -2.81 -5.81 13.13
C TYR D 39 -3.59 -5.79 14.44
N GLN D 40 -4.57 -4.89 14.49
CA GLN D 40 -5.49 -4.78 15.62
C GLN D 40 -6.89 -5.16 15.17
N GLN D 41 -7.53 -6.07 15.90
CA GLN D 41 -8.90 -6.45 15.64
C GLN D 41 -9.76 -6.07 16.83
N LYS D 42 -10.71 -5.17 16.61
CA LYS D 42 -11.67 -4.79 17.64
C LYS D 42 -12.73 -5.87 17.82
N PRO D 43 -13.47 -5.83 18.92
CA PRO D 43 -14.47 -6.89 19.17
C PRO D 43 -15.56 -7.00 18.10
N ASP D 44 -15.80 -5.95 17.31
CA ASP D 44 -16.80 -6.02 16.26
C ASP D 44 -16.29 -6.71 14.99
N GLY D 45 -15.04 -7.19 14.99
CA GLY D 45 -14.46 -7.81 13.82
C GLY D 45 -13.62 -6.88 12.97
N THR D 46 -13.73 -5.57 13.18
CA THR D 46 -12.91 -4.60 12.45
C THR D 46 -11.43 -4.95 12.55
N VAL D 47 -10.71 -4.79 11.45
CA VAL D 47 -9.28 -5.08 11.40
C VAL D 47 -8.56 -3.86 10.83
N LYS D 48 -7.40 -3.55 11.40
CA LYS D 48 -6.62 -2.40 10.96
C LYS D 48 -5.14 -2.69 11.13
N LEU D 49 -4.36 -2.21 10.16
CA LEU D 49 -2.90 -2.30 10.23
C LEU D 49 -2.37 -1.15 11.07
N LEU D 50 -1.51 -1.46 12.02
CA LEU D 50 -0.92 -0.46 12.90
C LEU D 50 0.57 -0.27 12.68
N ILE D 51 1.33 -1.36 12.62
CA ILE D 51 2.78 -1.31 12.48
C ILE D 51 3.19 -2.25 11.35
N HIS D 52 4.09 -1.79 10.49
CA HIS D 52 4.68 -2.62 9.45
C HIS D 52 6.20 -2.53 9.57
N TYR D 53 6.88 -3.52 8.99
CA TYR D 53 8.33 -3.62 9.04
C TYR D 53 8.82 -3.43 10.48
N THR D 54 8.22 -4.19 11.39
CA THR D 54 8.65 -4.26 12.79
C THR D 54 8.24 -3.05 13.60
N SER D 55 8.66 -1.84 13.19
CA SER D 55 8.50 -0.68 14.05
C SER D 55 7.99 0.56 13.32
N ARG D 56 7.59 0.48 12.07
CA ARG D 56 7.11 1.64 11.33
CA ARG D 56 7.12 1.64 11.31
C ARG D 56 5.63 1.83 11.60
N LEU D 57 5.29 2.94 12.25
CA LEU D 57 3.90 3.24 12.59
C LEU D 57 3.15 3.77 11.37
N ARG D 58 1.89 3.36 11.25
CA ARG D 58 1.02 3.84 10.18
C ARG D 58 0.41 5.18 10.58
N SER D 59 -0.04 5.92 9.57
CA SER D 59 -0.64 7.23 9.82
C SER D 59 -1.90 7.07 10.66
N GLY D 60 -2.04 7.92 11.68
CA GLY D 60 -3.18 7.89 12.56
C GLY D 60 -3.02 7.03 13.79
N VAL D 61 -2.00 6.16 13.83
CA VAL D 61 -1.75 5.31 14.98
C VAL D 61 -1.17 6.17 16.11
N PRO D 62 -1.77 6.19 17.29
CA PRO D 62 -1.22 7.00 18.37
C PRO D 62 0.20 6.56 18.73
N SER D 63 0.95 7.50 19.32
CA SER D 63 2.36 7.28 19.60
C SER D 63 2.60 6.26 20.69
N ARG D 64 1.59 5.89 21.47
CA ARG D 64 1.79 4.92 22.54
C ARG D 64 2.11 3.52 22.00
N PHE D 65 1.82 3.27 20.73
CA PHE D 65 2.15 2.00 20.10
C PHE D 65 3.59 2.04 19.58
N SER D 66 4.27 0.90 19.67
CA SER D 66 5.64 0.80 19.18
C SER D 66 5.97 -0.65 18.93
N GLY D 67 6.89 -0.89 17.99
CA GLY D 67 7.31 -2.23 17.66
C GLY D 67 8.82 -2.36 17.76
N SER D 68 9.27 -3.59 18.01
CA SER D 68 10.69 -3.85 18.20
C SER D 68 11.01 -5.26 17.71
N GLY D 69 12.30 -5.56 17.64
CA GLY D 69 12.78 -6.89 17.34
C GLY D 69 13.58 -6.94 16.05
N PHE D 70 14.17 -8.11 15.82
CA PHE D 70 14.87 -8.41 14.58
C PHE D 70 15.30 -9.87 14.64
N GLY D 71 15.17 -10.55 13.51
CA GLY D 71 15.46 -11.97 13.44
C GLY D 71 14.19 -12.81 13.53
N THR D 72 14.04 -13.55 14.62
CA THR D 72 12.85 -14.35 14.86
C THR D 72 11.95 -13.80 15.95
N ASP D 73 12.49 -13.00 16.87
CA ASP D 73 11.74 -12.49 18.01
C ASP D 73 11.34 -11.04 17.75
N TYR D 74 10.08 -10.71 18.02
CA TYR D 74 9.56 -9.36 17.87
C TYR D 74 8.59 -9.07 19.00
N SER D 75 8.16 -7.81 19.09
CA SER D 75 7.35 -7.39 20.22
C SER D 75 6.58 -6.13 19.86
N LEU D 76 5.30 -6.12 20.21
CA LEU D 76 4.47 -4.92 20.17
C LEU D 76 4.30 -4.40 21.60
N THR D 77 4.56 -3.11 21.79
CA THR D 77 4.47 -2.49 23.10
C THR D 77 3.45 -1.36 23.07
N ILE D 78 2.61 -1.31 24.11
CA ILE D 78 1.56 -0.31 24.24
C ILE D 78 1.73 0.31 25.62
N THR D 79 2.29 1.51 25.68
CA THR D 79 2.43 2.23 26.92
C THR D 79 1.19 3.09 27.18
N ASN D 80 0.87 3.29 28.45
CA ASN D 80 -0.28 4.10 28.83
C ASN D 80 -1.56 3.53 28.22
N LEU D 81 -1.79 2.24 28.49
CA LEU D 81 -2.89 1.51 27.87
C LEU D 81 -4.21 2.26 28.02
N GLU D 82 -4.81 2.62 26.88
CA GLU D 82 -6.10 3.29 26.85
C GLU D 82 -7.22 2.27 26.67
N GLN D 83 -8.44 2.71 26.99
CA GLN D 83 -9.60 1.84 26.87
C GLN D 83 -9.76 1.33 25.44
N GLU D 84 -9.62 2.23 24.45
CA GLU D 84 -9.84 1.84 23.06
C GLU D 84 -8.80 0.84 22.57
N ASP D 85 -7.74 0.58 23.34
CA ASP D 85 -6.73 -0.40 22.95
C ASP D 85 -7.14 -1.82 23.30
N ILE D 86 -8.18 -2.00 24.10
CA ILE D 86 -8.68 -3.33 24.44
C ILE D 86 -9.17 -4.00 23.17
N ALA D 87 -8.43 -4.99 22.69
CA ALA D 87 -8.68 -5.62 21.40
C ALA D 87 -7.77 -6.84 21.31
N THR D 88 -7.74 -7.48 20.14
CA THR D 88 -6.87 -8.60 19.87
C THR D 88 -5.84 -8.20 18.81
N TYR D 89 -4.58 -8.55 19.04
CA TYR D 89 -3.46 -8.11 18.22
C TYR D 89 -2.79 -9.31 17.57
N PHE D 90 -2.64 -9.26 16.25
CA PHE D 90 -2.02 -10.31 15.46
C PHE D 90 -0.73 -9.81 14.82
N CYS D 91 0.27 -10.69 14.76
CA CYS D 91 1.46 -10.41 13.96
C CYS D 91 1.41 -11.21 12.65
N GLN D 92 2.24 -10.79 11.70
CA GLN D 92 2.21 -11.36 10.36
C GLN D 92 3.57 -11.16 9.70
N GLN D 93 4.12 -12.24 9.14
CA GLN D 93 5.36 -12.17 8.39
C GLN D 93 5.07 -11.89 6.92
N GLY D 94 5.86 -11.00 6.33
CA GLY D 94 5.69 -10.62 4.94
C GLY D 94 6.92 -10.86 4.09
N LYS D 95 7.73 -11.86 4.46
CA LYS D 95 8.93 -12.19 3.71
C LYS D 95 8.63 -13.13 2.54
N THR D 96 8.02 -14.28 2.83
CA THR D 96 7.84 -15.33 1.84
C THR D 96 6.39 -15.79 1.82
N LEU D 97 5.89 -16.10 0.63
CA LEU D 97 4.61 -16.76 0.52
C LEU D 97 4.78 -18.24 0.88
N PRO D 98 3.77 -18.86 1.52
CA PRO D 98 2.48 -18.29 1.92
C PRO D 98 2.62 -17.37 3.14
N LEU D 99 1.92 -16.24 3.11
CA LEU D 99 1.92 -15.35 4.27
C LEU D 99 1.20 -16.02 5.44
N THR D 100 1.70 -15.77 6.65
CA THR D 100 1.21 -16.45 7.83
C THR D 100 1.04 -15.47 8.98
N PHE D 101 0.00 -15.68 9.77
CA PHE D 101 -0.32 -14.85 10.93
C PHE D 101 -0.11 -15.65 12.21
N GLY D 102 0.02 -14.93 13.32
CA GLY D 102 -0.04 -15.55 14.62
C GLY D 102 -1.46 -15.89 15.00
N ALA D 103 -1.61 -16.57 16.15
CA ALA D 103 -2.93 -16.94 16.63
C ALA D 103 -3.67 -15.76 17.25
N GLY D 104 -2.96 -14.75 17.74
CA GLY D 104 -3.57 -13.57 18.32
C GLY D 104 -3.40 -13.52 19.82
N THR D 105 -3.47 -12.30 20.36
CA THR D 105 -3.36 -12.05 21.79
C THR D 105 -4.43 -11.04 22.17
N LYS D 106 -5.40 -11.48 22.97
CA LYS D 106 -6.50 -10.62 23.39
C LYS D 106 -6.12 -9.88 24.67
N LEU D 107 -6.35 -8.58 24.69
CA LEU D 107 -6.14 -7.77 25.87
C LEU D 107 -7.46 -7.61 26.63
N GLU D 108 -7.39 -7.75 27.95
CA GLU D 108 -8.56 -7.61 28.81
C GLU D 108 -8.19 -6.72 30.00
N ILE D 109 -9.20 -6.04 30.53
CA ILE D 109 -8.97 -5.07 31.60
C ILE D 109 -8.85 -5.79 32.93
N LYS D 110 -7.95 -5.31 33.78
CA LYS D 110 -7.75 -5.85 35.11
C LYS D 110 -8.64 -5.12 36.11
N ARG D 111 -9.05 -5.84 37.16
CA ARG D 111 -9.84 -5.24 38.22
C ARG D 111 -9.71 -6.09 39.47
N THR D 112 -10.24 -5.56 40.58
CA THR D 112 -10.24 -6.30 41.82
C THR D 112 -11.13 -7.54 41.71
N ASP D 113 -10.77 -8.58 42.44
CA ASP D 113 -11.52 -9.84 42.37
C ASP D 113 -12.94 -9.64 42.86
N ALA D 114 -13.86 -10.37 42.22
CA ALA D 114 -15.27 -10.32 42.59
C ALA D 114 -15.84 -11.73 42.55
N ALA D 115 -16.53 -12.11 43.62
CA ALA D 115 -17.09 -13.45 43.68
C ALA D 115 -18.34 -13.54 42.80
N PRO D 116 -18.62 -14.71 42.25
CA PRO D 116 -19.83 -14.85 41.43
C PRO D 116 -21.09 -14.84 42.27
N THR D 117 -22.16 -14.31 41.68
CA THR D 117 -23.49 -14.33 42.28
C THR D 117 -24.26 -15.46 41.61
N VAL D 118 -24.55 -16.52 42.38
CA VAL D 118 -25.07 -17.76 41.83
C VAL D 118 -26.59 -17.78 41.99
N SER D 119 -27.28 -18.27 40.96
CA SER D 119 -28.73 -18.37 40.97
C SER D 119 -29.11 -19.63 40.19
N ILE D 120 -29.87 -20.52 40.83
CA ILE D 120 -30.35 -21.74 40.19
C ILE D 120 -31.84 -21.58 39.90
N PHE D 121 -32.28 -22.20 38.81
CA PHE D 121 -33.64 -22.04 38.33
C PHE D 121 -34.20 -23.41 37.96
N PRO D 122 -35.33 -23.82 38.54
CA PRO D 122 -35.93 -25.10 38.15
C PRO D 122 -36.51 -25.04 36.75
N PRO D 123 -36.81 -26.18 36.14
CA PRO D 123 -37.50 -26.16 34.86
C PRO D 123 -38.86 -25.49 34.98
N SER D 124 -39.26 -24.82 33.90
CA SER D 124 -40.56 -24.17 33.87
C SER D 124 -41.65 -25.18 33.52
N SER D 125 -42.86 -24.90 33.99
CA SER D 125 -43.99 -25.77 33.63
C SER D 125 -44.20 -25.82 32.12
N GLU D 126 -43.89 -24.74 31.42
CA GLU D 126 -44.03 -24.73 29.96
C GLU D 126 -43.15 -25.80 29.33
N GLN D 127 -41.89 -25.89 29.76
CA GLN D 127 -40.99 -26.88 29.18
C GLN D 127 -41.37 -28.29 29.60
N LEU D 128 -41.73 -28.48 30.88
CA LEU D 128 -42.16 -29.79 31.33
C LEU D 128 -43.34 -30.31 30.51
N THR D 129 -44.22 -29.40 30.08
CA THR D 129 -45.32 -29.81 29.20
C THR D 129 -44.78 -30.43 27.91
N SER D 130 -43.72 -29.85 27.35
CA SER D 130 -43.20 -30.32 26.07
C SER D 130 -42.42 -31.63 26.20
N GLY D 131 -42.03 -32.01 27.40
CA GLY D 131 -41.34 -33.28 27.63
C GLY D 131 -39.92 -33.15 28.15
N GLY D 132 -39.30 -31.97 28.06
CA GLY D 132 -37.95 -31.76 28.52
C GLY D 132 -37.90 -30.96 29.81
N ALA D 133 -36.72 -30.95 30.42
CA ALA D 133 -36.50 -30.25 31.68
C ALA D 133 -35.09 -29.69 31.69
N SER D 134 -34.96 -28.38 31.67
CA SER D 134 -33.67 -27.71 31.73
C SER D 134 -33.53 -27.00 33.06
N VAL D 135 -32.44 -27.29 33.77
CA VAL D 135 -32.08 -26.60 35.00
C VAL D 135 -30.96 -25.62 34.66
N VAL D 136 -31.16 -24.35 35.00
CA VAL D 136 -30.23 -23.29 34.65
C VAL D 136 -29.58 -22.77 35.92
N CYS D 137 -28.30 -22.45 35.83
CA CYS D 137 -27.52 -21.89 36.92
C CYS D 137 -26.72 -20.72 36.36
N PHE D 138 -26.93 -19.52 36.91
CA PHE D 138 -26.19 -18.33 36.50
C PHE D 138 -25.05 -18.05 37.48
N LEU D 139 -23.87 -17.79 36.94
CA LEU D 139 -22.70 -17.35 37.71
C LEU D 139 -22.34 -15.97 37.15
N ASN D 140 -22.79 -14.91 37.81
CA ASN D 140 -22.79 -13.58 37.24
C ASN D 140 -21.78 -12.66 37.91
N ASN D 141 -21.10 -11.87 37.08
CA ASN D 141 -20.35 -10.69 37.52
C ASN D 141 -19.24 -11.07 38.52
N PHE D 142 -18.33 -11.90 38.05
CA PHE D 142 -17.15 -12.32 38.81
C PHE D 142 -15.89 -11.92 38.07
N TYR D 143 -14.77 -11.97 38.80
CA TYR D 143 -13.47 -11.69 38.23
C TYR D 143 -12.44 -12.41 39.10
N PRO D 144 -11.44 -13.09 38.50
CA PRO D 144 -11.15 -13.22 37.07
C PRO D 144 -12.05 -14.21 36.35
N LYS D 145 -11.82 -14.43 35.04
CA LYS D 145 -12.75 -15.21 34.23
C LYS D 145 -12.68 -16.71 34.53
N ASP D 146 -11.56 -17.20 35.05
CA ASP D 146 -11.45 -18.63 35.34
C ASP D 146 -12.45 -19.03 36.41
N ILE D 147 -13.28 -20.02 36.10
CA ILE D 147 -14.34 -20.46 37.01
C ILE D 147 -14.69 -21.89 36.65
N ASN D 148 -15.27 -22.62 37.61
CA ASN D 148 -15.68 -24.00 37.41
C ASN D 148 -17.05 -24.21 38.04
N VAL D 149 -17.89 -24.99 37.37
CA VAL D 149 -19.24 -25.28 37.83
C VAL D 149 -19.40 -26.78 37.92
N LYS D 150 -20.02 -27.23 39.01
CA LYS D 150 -20.30 -28.65 39.24
C LYS D 150 -21.79 -28.81 39.50
N TRP D 151 -22.41 -29.78 38.83
CA TRP D 151 -23.81 -30.12 39.06
C TRP D 151 -23.91 -31.37 39.92
N LYS D 152 -24.87 -31.37 40.83
CA LYS D 152 -25.13 -32.52 41.68
C LYS D 152 -26.63 -32.77 41.73
N ILE D 153 -27.02 -34.01 41.46
CA ILE D 153 -28.41 -34.45 41.53
C ILE D 153 -28.50 -35.55 42.57
N ASP D 154 -29.34 -35.34 43.58
CA ASP D 154 -29.45 -36.28 44.69
C ASP D 154 -28.07 -36.61 45.25
N GLY D 155 -27.20 -35.60 45.32
CA GLY D 155 -25.88 -35.75 45.88
C GLY D 155 -24.83 -36.30 44.94
N SER D 156 -25.21 -36.74 43.75
CA SER D 156 -24.27 -37.35 42.81
C SER D 156 -23.91 -36.38 41.70
N GLU D 157 -22.62 -36.34 41.36
CA GLU D 157 -22.14 -35.43 40.34
C GLU D 157 -22.63 -35.83 38.96
N ARG D 158 -23.06 -34.85 38.17
CA ARG D 158 -23.52 -35.09 36.81
C ARG D 158 -22.87 -34.09 35.87
N GLN D 159 -22.29 -34.60 34.78
CA GLN D 159 -21.71 -33.77 33.73
C GLN D 159 -22.40 -33.92 32.38
N ASN D 160 -23.02 -35.07 32.11
CA ASN D 160 -23.73 -35.25 30.85
C ASN D 160 -24.94 -34.33 30.79
N GLY D 161 -25.20 -33.80 29.60
CA GLY D 161 -26.31 -32.90 29.40
C GLY D 161 -26.07 -31.48 29.84
N VAL D 162 -24.84 -31.14 30.24
CA VAL D 162 -24.49 -29.81 30.70
C VAL D 162 -23.89 -29.02 29.54
N LEU D 163 -24.39 -27.81 29.34
CA LEU D 163 -23.87 -26.92 28.31
C LEU D 163 -23.55 -25.58 28.96
N ASN D 164 -22.33 -25.10 28.73
CA ASN D 164 -21.83 -23.90 29.37
C ASN D 164 -21.55 -22.82 28.34
N SER D 165 -21.63 -21.57 28.79
CA SER D 165 -21.44 -20.43 27.90
C SER D 165 -20.95 -19.25 28.72
N TRP D 166 -19.72 -18.81 28.45
CA TRP D 166 -19.17 -17.64 29.12
C TRP D 166 -19.39 -16.39 28.27
N THR D 167 -19.56 -15.27 28.95
CA THR D 167 -19.65 -13.98 28.28
C THR D 167 -18.26 -13.39 28.10
N ASP D 168 -18.16 -12.41 27.21
CA ASP D 168 -16.96 -11.61 27.12
C ASP D 168 -16.93 -10.62 28.29
N GLN D 169 -15.74 -10.06 28.53
CA GLN D 169 -15.60 -9.10 29.62
C GLN D 169 -16.60 -7.96 29.46
N ASP D 170 -17.36 -7.70 30.51
CA ASP D 170 -18.33 -6.60 30.47
C ASP D 170 -17.59 -5.27 30.38
N SER D 171 -18.13 -4.35 29.59
CA SER D 171 -17.45 -3.10 29.30
C SER D 171 -17.61 -2.05 30.39
N LYS D 172 -18.61 -2.19 31.27
CA LYS D 172 -18.88 -1.20 32.30
C LYS D 172 -18.26 -1.55 33.65
N ASP D 173 -18.29 -2.82 34.06
CA ASP D 173 -17.72 -3.22 35.34
C ASP D 173 -16.56 -4.20 35.20
N SER D 174 -16.19 -4.59 33.98
CA SER D 174 -15.04 -5.44 33.69
C SER D 174 -15.17 -6.84 34.28
N THR D 175 -16.40 -7.28 34.60
CA THR D 175 -16.59 -8.61 35.14
C THR D 175 -16.91 -9.60 34.03
N TYR D 176 -17.02 -10.86 34.41
CA TYR D 176 -17.44 -11.94 33.53
C TYR D 176 -18.67 -12.62 34.12
N SER D 177 -19.41 -13.30 33.26
CA SER D 177 -20.57 -14.08 33.68
C SER D 177 -20.59 -15.39 32.91
N MET D 178 -21.31 -16.36 33.46
CA MET D 178 -21.33 -17.70 32.90
C MET D 178 -22.68 -18.34 33.16
N SER D 179 -23.17 -19.08 32.17
CA SER D 179 -24.42 -19.82 32.27
CA SER D 179 -24.42 -19.82 32.28
C SER D 179 -24.14 -21.31 32.13
N SER D 180 -24.78 -22.11 32.96
CA SER D 180 -24.67 -23.56 32.92
C SER D 180 -26.08 -24.12 32.88
N THR D 181 -26.40 -24.86 31.82
CA THR D 181 -27.75 -25.39 31.61
C THR D 181 -27.67 -26.91 31.54
N LEU D 182 -28.29 -27.57 32.50
CA LEU D 182 -28.39 -29.03 32.52
C LEU D 182 -29.77 -29.42 32.01
N THR D 183 -29.80 -30.13 30.88
CA THR D 183 -31.05 -30.50 30.23
C THR D 183 -31.25 -32.01 30.39
N LEU D 184 -32.39 -32.39 30.95
CA LEU D 184 -32.79 -33.77 31.15
C LEU D 184 -34.14 -34.00 30.47
N THR D 185 -34.62 -35.24 30.55
CA THR D 185 -35.99 -35.53 30.18
C THR D 185 -36.92 -35.21 31.34
N LYS D 186 -38.21 -35.00 31.03
CA LYS D 186 -39.18 -34.77 32.09
C LYS D 186 -39.19 -35.94 33.08
N ASP D 187 -39.21 -37.17 32.55
CA ASP D 187 -39.24 -38.34 33.43
C ASP D 187 -38.00 -38.38 34.32
N GLU D 188 -36.81 -38.18 33.74
CA GLU D 188 -35.59 -38.22 34.53
C GLU D 188 -35.57 -37.10 35.57
N TYR D 189 -36.16 -35.95 35.24
CA TYR D 189 -36.20 -34.85 36.20
C TYR D 189 -37.12 -35.17 37.37
N GLU D 190 -38.27 -35.81 37.10
CA GLU D 190 -39.19 -36.17 38.17
C GLU D 190 -38.70 -37.37 38.98
N ARG D 191 -37.79 -38.17 38.44
CA ARG D 191 -37.22 -39.30 39.18
C ARG D 191 -36.16 -38.88 40.18
N HIS D 192 -35.88 -37.59 40.32
CA HIS D 192 -34.92 -37.09 41.29
C HIS D 192 -35.53 -35.88 41.99
N ASN D 193 -34.91 -35.47 43.10
CA ASN D 193 -35.48 -34.42 43.94
C ASN D 193 -34.54 -33.24 44.12
N SER D 194 -33.30 -33.48 44.58
CA SER D 194 -32.38 -32.40 44.90
C SER D 194 -31.52 -32.05 43.69
N TYR D 195 -31.44 -30.77 43.38
CA TYR D 195 -30.65 -30.27 42.26
C TYR D 195 -29.77 -29.13 42.74
N THR D 196 -28.46 -29.25 42.51
CA THR D 196 -27.47 -28.32 43.04
C THR D 196 -26.44 -27.98 41.98
N CYS D 197 -26.09 -26.69 41.90
CA CYS D 197 -24.91 -26.26 41.16
C CYS D 197 -23.95 -25.60 42.13
N GLU D 198 -22.67 -25.96 42.02
CA GLU D 198 -21.61 -25.45 42.89
C GLU D 198 -20.62 -24.65 42.05
N ALA D 199 -20.32 -23.43 42.49
CA ALA D 199 -19.39 -22.54 41.81
C ALA D 199 -18.07 -22.52 42.55
N THR D 200 -16.99 -22.87 41.85
CA THR D 200 -15.64 -22.80 42.38
C THR D 200 -14.91 -21.63 41.73
N HIS D 201 -14.31 -20.77 42.56
CA HIS D 201 -13.72 -19.55 42.06
C HIS D 201 -12.55 -19.16 42.95
N LYS D 202 -11.64 -18.37 42.39
CA LYS D 202 -10.48 -17.89 43.12
C LYS D 202 -10.85 -17.16 44.40
N THR D 203 -12.07 -16.61 44.47
CA THR D 203 -12.43 -15.72 45.57
C THR D 203 -12.69 -16.46 46.88
N SER D 204 -13.08 -17.74 46.81
CA SER D 204 -13.42 -18.49 48.01
C SER D 204 -12.86 -19.89 47.93
N THR D 205 -12.21 -20.34 49.01
CA THR D 205 -11.69 -21.70 49.04
C THR D 205 -12.82 -22.72 48.92
N SER D 206 -13.94 -22.46 49.57
CA SER D 206 -15.09 -23.33 49.42
C SER D 206 -16.00 -22.80 48.32
N PRO D 207 -16.74 -23.68 47.65
CA PRO D 207 -17.58 -23.23 46.54
C PRO D 207 -18.89 -22.62 47.02
N ILE D 208 -19.42 -21.72 46.19
CA ILE D 208 -20.77 -21.20 46.40
C ILE D 208 -21.75 -22.27 45.93
N VAL D 209 -22.69 -22.62 46.80
CA VAL D 209 -23.63 -23.71 46.56
C VAL D 209 -25.04 -23.15 46.57
N LYS D 210 -25.76 -23.38 45.49
CA LYS D 210 -27.17 -23.03 45.37
C LYS D 210 -27.93 -24.29 44.97
N SER D 211 -29.12 -24.47 45.53
CA SER D 211 -29.85 -25.71 45.33
C SER D 211 -31.34 -25.47 45.46
N PHE D 212 -32.11 -26.41 44.94
CA PHE D 212 -33.56 -26.43 45.15
C PHE D 212 -34.01 -27.88 45.19
N ASN D 213 -35.12 -28.11 45.89
CA ASN D 213 -35.76 -29.42 45.95
C ASN D 213 -37.01 -29.38 45.09
N ARG D 214 -37.18 -30.41 44.25
CA ARG D 214 -38.27 -30.40 43.28
C ARG D 214 -39.63 -30.46 43.95
N ASN D 215 -39.74 -31.19 45.05
CA ASN D 215 -41.03 -31.35 45.71
C ASN D 215 -41.44 -30.12 46.52
N GLU D 216 -40.50 -29.24 46.86
CA GLU D 216 -40.79 -28.03 47.61
C GLU D 216 -41.28 -26.88 46.74
N CYS D 217 -41.65 -27.17 45.49
CA CYS D 217 -42.14 -26.16 44.55
C CYS D 217 -41.36 -24.85 44.64
C1 NAG E . 19.69 6.96 -40.19
C2 NAG E . 19.68 8.28 -40.98
C3 NAG E . 19.43 8.03 -42.46
C4 NAG E . 20.35 6.95 -43.00
C5 NAG E . 20.21 5.70 -42.12
C6 NAG E . 21.05 4.52 -42.56
C7 NAG E . 17.38 8.89 -40.26
C8 NAG E . 16.54 10.02 -39.72
N2 NAG E . 18.68 9.19 -40.46
O3 NAG E . 19.59 9.26 -43.14
O4 NAG E . 19.96 6.69 -44.32
O5 NAG E . 20.57 6.05 -40.80
O6 NAG E . 22.42 4.86 -42.50
O7 NAG E . 16.89 7.80 -40.49
C1 NAG E . 20.96 7.20 -45.23
C2 NAG E . 21.00 6.25 -46.44
C3 NAG E . 21.89 6.80 -47.55
C4 NAG E . 21.51 8.25 -47.86
C5 NAG E . 21.55 9.06 -46.57
C6 NAG E . 21.24 10.53 -46.73
C7 NAG E . 20.66 3.90 -45.72
C8 NAG E . 21.38 2.63 -45.33
N2 NAG E . 21.46 4.94 -46.04
O3 NAG E . 21.76 5.97 -48.66
O4 NAG E . 22.42 8.72 -48.83
O5 NAG E . 20.62 8.50 -45.65
O6 NAG E . 19.92 10.71 -47.19
O7 NAG E . 19.44 3.96 -45.74
C1 NAG F . 8.79 -6.69 -18.79
C2 NAG F . 8.17 -5.69 -19.77
C3 NAG F . 6.76 -5.22 -19.39
C4 NAG F . 5.91 -6.40 -18.97
C5 NAG F . 6.62 -7.04 -17.78
C6 NAG F . 5.84 -8.15 -17.10
C7 NAG F . 9.05 -3.74 -21.01
C8 NAG F . 10.00 -2.58 -20.94
N2 NAG F . 9.01 -4.53 -19.92
O3 NAG F . 6.23 -4.53 -20.48
O4 NAG F . 4.62 -5.92 -18.65
O5 NAG F . 7.84 -7.58 -18.24
O6 NAG F . 5.55 -9.18 -18.01
O7 NAG F . 8.36 -3.93 -22.00
C1 NAG F . 3.63 -6.88 -19.10
C2 NAG F . 2.37 -6.74 -18.25
C3 NAG F . 1.24 -7.63 -18.78
C4 NAG F . 1.04 -7.39 -20.27
C5 NAG F . 2.38 -7.60 -20.98
C6 NAG F . 2.30 -7.44 -22.48
C7 NAG F . 2.20 -6.36 -15.80
C8 NAG F . 2.62 -6.91 -14.47
N2 NAG F . 2.64 -7.06 -16.88
O3 NAG F . 0.08 -7.36 -18.04
O4 NAG F . 0.06 -8.29 -20.72
O5 NAG F . 3.31 -6.67 -20.46
O6 NAG F . 1.57 -6.28 -22.81
O7 NAG F . 1.50 -5.36 -15.89
C1 NAG G . 13.47 -10.07 -6.97
C2 NAG G . 14.41 -10.35 -5.80
C3 NAG G . 15.00 -11.74 -5.93
C4 NAG G . 13.85 -12.75 -5.95
C5 NAG G . 12.87 -12.40 -7.07
C6 NAG G . 11.62 -13.25 -7.03
C7 NAG G . 15.42 -8.31 -4.84
C8 NAG G . 14.19 -8.23 -3.96
N2 NAG G . 15.45 -9.35 -5.70
O3 NAG G . 15.86 -11.96 -4.85
O4 NAG G . 14.43 -14.01 -6.17
O5 NAG G . 12.45 -11.04 -6.97
O6 NAG G . 10.86 -12.90 -5.91
O7 NAG G . 16.31 -7.48 -4.76
C1 NAG G . 14.04 -14.89 -5.10
C2 NAG G . 14.16 -16.33 -5.58
C3 NAG G . 13.78 -17.28 -4.45
C4 NAG G . 14.60 -16.97 -3.22
C5 NAG G . 14.48 -15.48 -2.87
C6 NAG G . 15.29 -15.06 -1.67
C7 NAG G . 13.77 -16.42 -8.01
C8 NAG G . 15.22 -16.02 -8.16
N2 NAG G . 13.33 -16.54 -6.73
O3 NAG G . 13.98 -18.59 -4.93
O4 NAG G . 14.08 -17.77 -2.18
O5 NAG G . 14.87 -14.71 -3.97
O6 NAG G . 16.66 -15.19 -1.94
O7 NAG G . 13.05 -16.60 -8.98
C1 BMA G . 15.00 -18.82 -1.84
C2 BMA G . 14.75 -19.18 -0.39
C3 BMA G . 15.82 -20.21 0.04
C4 BMA G . 15.96 -21.36 -0.98
C5 BMA G . 15.00 -21.27 -2.17
C6 BMA G . 13.65 -21.94 -1.94
O2 BMA G . 13.41 -19.60 -0.32
O3 BMA G . 15.66 -20.66 1.37
O4 BMA G . 17.31 -21.31 -1.43
O5 BMA G . 14.80 -19.96 -2.66
O6 BMA G . 12.84 -21.66 -3.06
C1 MAN G . 14.45 -20.21 2.02
C2 MAN G . 14.70 -18.83 2.66
C3 MAN G . 15.67 -18.96 3.84
C4 MAN G . 15.16 -20.00 4.83
C5 MAN G . 14.95 -21.33 4.07
C6 MAN G . 14.37 -22.40 4.98
O2 MAN G . 13.46 -18.33 3.07
O3 MAN G . 15.78 -17.68 4.42
O4 MAN G . 16.12 -20.14 5.85
O5 MAN G . 14.04 -21.13 3.00
O6 MAN G . 13.01 -22.57 4.69
C1 FUC G . 10.14 -14.07 -5.44
C2 FUC G . 9.80 -13.86 -3.97
C3 FUC G . 8.84 -12.68 -3.82
C4 FUC G . 7.59 -12.92 -4.66
C5 FUC G . 8.03 -13.15 -6.11
C6 FUC G . 6.88 -13.50 -7.03
O2 FUC G . 11.01 -13.69 -3.27
O3 FUC G . 8.55 -12.52 -2.45
O4 FUC G . 6.91 -14.02 -4.12
O5 FUC G . 8.95 -14.24 -6.17
C1 NAG H . 15.19 11.14 1.28
C2 NAG H . 14.51 10.10 2.20
C3 NAG H . 13.79 10.82 3.34
C4 NAG H . 14.70 11.82 4.04
C5 NAG H . 15.39 12.72 3.01
C6 NAG H . 16.40 13.70 3.59
C7 NAG H . 13.64 7.98 1.32
C8 NAG H . 14.80 7.31 2.02
N2 NAG H . 13.58 9.32 1.45
O3 NAG H . 13.34 9.84 4.22
O4 NAG H . 13.89 12.55 4.93
O5 NAG H . 16.06 11.93 2.05
O6 NAG H . 17.53 12.99 4.05
O7 NAG H . 12.83 7.34 0.66
C1 NAG H . 14.57 12.64 6.20
C2 NAG H . 13.89 13.73 7.05
C3 NAG H . 14.69 13.88 8.34
C4 NAG H . 14.82 12.53 9.06
C5 NAG H . 15.31 11.45 8.08
C6 NAG H . 15.30 10.06 8.67
C7 NAG H . 12.77 15.31 5.55
C8 NAG H . 12.86 16.66 4.90
N2 NAG H . 13.81 14.97 6.34
O3 NAG H . 14.04 14.85 9.14
O4 NAG H . 15.75 12.73 10.11
O5 NAG H . 14.51 11.44 6.92
O6 NAG H . 15.42 9.12 7.63
O7 NAG H . 11.82 14.56 5.37
C1 BMA H . 15.16 12.33 11.37
C2 BMA H . 16.29 12.43 12.40
C3 BMA H . 15.76 12.02 13.79
C4 BMA H . 14.34 12.53 14.11
C5 BMA H . 13.75 13.47 13.05
C6 BMA H . 14.01 14.96 13.33
O2 BMA H . 16.81 13.73 12.37
O3 BMA H . 16.73 12.42 14.72
O4 BMA H . 13.54 11.37 14.24
O5 BMA H . 14.09 13.19 11.70
O6 BMA H . 13.38 15.69 12.31
C1 MAN H . 16.70 11.53 15.87
C2 MAN H . 18.08 11.58 16.53
C3 MAN H . 19.14 10.88 15.65
C4 MAN H . 18.69 9.45 15.37
C5 MAN H . 17.31 9.49 14.69
C6 MAN H . 16.75 8.10 14.48
O2 MAN H . 17.96 10.95 17.77
O3 MAN H . 20.36 10.93 16.34
O4 MAN H . 19.68 8.87 14.53
O5 MAN H . 16.38 10.21 15.48
O6 MAN H . 16.71 7.40 15.71
C1 NAG I . 17.76 27.08 -30.12
C2 NAG I . 16.81 25.94 -30.48
C3 NAG I . 15.78 26.43 -31.52
C4 NAG I . 15.11 27.72 -31.04
C5 NAG I . 16.16 28.73 -30.56
C6 NAG I . 15.56 29.99 -29.98
C7 NAG I . 17.38 23.54 -30.53
C8 NAG I . 16.39 23.38 -29.39
N2 NAG I . 17.52 24.80 -30.99
O3 NAG I . 14.87 25.40 -31.74
O4 NAG I . 14.40 28.25 -32.14
O5 NAG I . 17.00 28.13 -29.59
O6 NAG I . 14.68 29.66 -28.93
O7 NAG I . 18.01 22.60 -30.97
C1 NAG I . 13.04 27.75 -32.16
C2 NAG I . 12.15 28.81 -32.82
C3 NAG I . 10.73 28.30 -33.03
C4 NAG I . 10.78 26.97 -33.78
C5 NAG I . 11.67 26.00 -32.99
C6 NAG I . 11.75 24.61 -33.59
C7 NAG I . 11.75 30.28 -30.83
C8 NAG I . 11.17 29.10 -30.09
N2 NAG I . 12.18 30.06 -32.09
O3 NAG I . 10.00 29.29 -33.71
O4 NAG I . 9.45 26.51 -33.91
O5 NAG I . 12.96 26.54 -32.89
O6 NAG I . 12.26 24.68 -34.90
O7 NAG I . 11.81 31.38 -30.30
C1 BMA I . 9.02 26.70 -35.27
C2 BMA I . 7.74 25.91 -35.46
C3 BMA I . 7.27 26.01 -36.94
C4 BMA I . 7.77 27.27 -37.66
C5 BMA I . 8.13 28.44 -36.76
C6 BMA I . 6.95 29.36 -36.42
O2 BMA I . 6.77 26.37 -34.55
O3 BMA I . 5.88 25.89 -36.93
O4 BMA I . 8.91 26.85 -38.40
O5 BMA I . 8.80 28.06 -35.56
O6 BMA I . 6.05 28.64 -35.61
C1 NAG J . 2.50 17.42 -17.49
C2 NAG J . 1.63 18.11 -16.44
C3 NAG J . 0.59 17.06 -16.07
C4 NAG J . -0.17 16.64 -17.34
C5 NAG J . 0.77 16.34 -18.52
C6 NAG J . 0.06 16.15 -19.84
C7 NAG J . 3.00 19.75 -15.23
C8 NAG J . 2.78 20.67 -16.41
N2 NAG J . 2.42 18.55 -15.31
O3 NAG J . -0.27 17.56 -15.07
O4 NAG J . -0.94 15.51 -17.00
O5 NAG J . 1.76 17.35 -18.68
O6 NAG J . -0.62 14.91 -19.82
O7 NAG J . 3.69 20.11 -14.27
C1 NAG K . 27.13 35.03 -50.81
C2 NAG K . 26.60 33.59 -50.80
C3 NAG K . 26.72 32.98 -52.20
C4 NAG K . 26.05 33.89 -53.22
C5 NAG K . 26.65 35.29 -53.12
C6 NAG K . 26.09 36.28 -54.11
C7 NAG K . 26.79 32.30 -48.71
C8 NAG K . 25.35 32.67 -48.47
N2 NAG K . 27.32 32.78 -49.85
O3 NAG K . 26.15 31.70 -52.16
O4 NAG K . 26.24 33.32 -54.49
O5 NAG K . 26.44 35.77 -51.80
O6 NAG K . 24.70 36.39 -53.91
O7 NAG K . 27.41 31.61 -47.91
#